data_7E1S
#
_entry.id   7E1S
#
_cell.length_a   98.894
_cell.length_b   100.133
_cell.length_c   105.479
_cell.angle_alpha   90.00
_cell.angle_beta   90.00
_cell.angle_gamma   90.00
#
_symmetry.space_group_name_H-M   'P 21 21 21'
#
loop_
_entity.id
_entity.type
_entity.pdbx_description
1 polymer '2-nitropropane dioxygenase'
2 polymer 'Acyl carrier protein,Acyl carrier protein'
3 non-polymer 'FLAVIN MONONUCLEOTIDE'
4 non-polymer 'IRON/SULFUR CLUSTER'
5 non-polymer 'S-[2-({N-[(2R)-2-hydroxy-3,3-dimethyl-4-(phosphonooxy)butanoyl]-beta-alanyl}amino)ethyl] octanethioate'
6 water water
#
loop_
_entity_poly.entity_id
_entity_poly.type
_entity_poly.pdbx_seq_one_letter_code
_entity_poly.pdbx_strand_id
1 'polypeptide(L)'
;MKHHHHHHHMVSTLKPLKIGKHTIKFPIFQGGMGVGISWDELAGNVAKEGALGVISAVGTGYYKNMRFVERIVAKKPFEA
LNFYSKKALNEIFANARKICGNNPLGANILYAINDYGRVLRDSCEAGANIIITGAGLPTNMPEFAKDFSDVALIPIISSA
KALKILCKRWSDRYKRIPDAFIVEGPLSGGHQGFKYEDCFKEEFRLENLVPKVVEASKEWGNIPIIAAGGIWDRKDIDTM
LSLGASGVQMATRFLGTKECDAKVYADLLPTLKKEDILLIKSPVGYPARAINTGVIKRIEEGNAPKIACVSNCVAPCNRG
EEAKKVGYCIADGLGRSYLGNREEGLYFTGANGYRVDKIISVHELIKELTEG
;
A,C
2 'polypeptide(L)'
;GTSSMGYLMALFEDIQAVIAEQLNVDAAQVTPEAEFVKDLGADSLDVVELIMALEEKFGIEIPDEQAEKIVNVGDVVKYI
EDNKLA
;
B,D
#
# COMPACT_ATOMS: atom_id res chain seq x y z
N HIS A 7 -16.58 3.00 -48.47
CA HIS A 7 -17.57 2.39 -47.60
C HIS A 7 -17.39 0.88 -47.41
N HIS A 8 -16.61 0.25 -48.28
CA HIS A 8 -16.41 -1.19 -48.15
C HIS A 8 -15.48 -1.48 -46.98
N HIS A 9 -15.77 -2.56 -46.27
CA HIS A 9 -14.83 -3.18 -45.34
C HIS A 9 -13.41 -2.98 -45.86
N MET A 10 -12.46 -2.73 -45.00
CA MET A 10 -11.10 -2.46 -45.45
C MET A 10 -10.07 -3.26 -44.69
N VAL A 11 -9.07 -3.73 -45.43
CA VAL A 11 -8.06 -4.67 -44.95
C VAL A 11 -7.13 -4.01 -43.95
N SER A 12 -6.58 -4.81 -43.05
CA SER A 12 -5.76 -4.32 -41.96
C SER A 12 -4.29 -4.25 -42.37
N THR A 13 -3.60 -3.24 -41.86
CA THR A 13 -2.15 -3.28 -41.76
C THR A 13 -1.66 -3.82 -40.41
N LEU A 14 -2.54 -4.33 -39.56
CA LEU A 14 -2.08 -5.05 -38.39
C LEU A 14 -1.52 -6.41 -38.79
N LYS A 15 -0.42 -6.80 -38.16
CA LYS A 15 0.28 -8.03 -38.47
C LYS A 15 -0.22 -9.18 -37.60
N PRO A 16 -0.37 -10.37 -38.19
CA PRO A 16 -0.77 -11.55 -37.39
C PRO A 16 0.13 -11.75 -36.18
N LEU A 17 -0.44 -12.35 -35.14
CA LEU A 17 0.24 -12.55 -33.86
C LEU A 17 0.36 -14.04 -33.59
N LYS A 18 1.56 -14.48 -33.26
CA LYS A 18 1.84 -15.88 -33.00
C LYS A 18 2.25 -16.06 -31.55
N ILE A 19 1.61 -16.98 -30.86
CA ILE A 19 1.85 -17.25 -29.44
C ILE A 19 2.11 -18.73 -29.33
N GLY A 20 3.33 -19.10 -28.92
CA GLY A 20 3.66 -20.51 -28.88
C GLY A 20 3.44 -21.11 -30.25
N LYS A 21 2.66 -22.19 -30.33
CA LYS A 21 2.43 -22.89 -31.58
C LYS A 21 1.30 -22.30 -32.41
N HIS A 22 0.57 -21.31 -31.89
CA HIS A 22 -0.68 -20.84 -32.45
C HIS A 22 -0.54 -19.43 -32.98
N THR A 23 -1.21 -19.14 -34.08
CA THR A 23 -1.19 -17.82 -34.71
C THR A 23 -2.61 -17.32 -34.85
N ILE A 24 -2.81 -16.02 -34.57
CA ILE A 24 -4.10 -15.36 -34.74
C ILE A 24 -3.93 -14.26 -35.77
N LYS A 25 -4.98 -14.03 -36.55
CA LYS A 25 -4.85 -13.14 -37.71
C LYS A 25 -4.73 -11.68 -37.28
N PHE A 26 -5.37 -11.31 -36.18
CA PHE A 26 -5.22 -9.98 -35.63
C PHE A 26 -4.55 -10.08 -34.27
N PRO A 27 -3.71 -9.14 -33.91
CA PRO A 27 -3.00 -9.20 -32.62
C PRO A 27 -3.88 -8.75 -31.45
N ILE A 28 -5.00 -9.44 -31.25
CA ILE A 28 -6.05 -8.99 -30.34
C ILE A 28 -6.54 -10.19 -29.56
N PHE A 29 -6.46 -10.12 -28.23
CA PHE A 29 -7.15 -11.04 -27.34
C PHE A 29 -8.47 -10.42 -26.91
N GLN A 30 -9.54 -11.22 -26.93
CA GLN A 30 -10.74 -10.86 -26.16
C GLN A 30 -10.53 -11.38 -24.74
N GLY A 31 -10.43 -10.47 -23.78
CA GLY A 31 -10.12 -10.86 -22.41
C GLY A 31 -11.19 -11.76 -21.81
N GLY A 32 -10.74 -12.71 -21.01
CA GLY A 32 -11.67 -13.58 -20.33
C GLY A 32 -12.45 -12.85 -19.26
N MET A 33 -13.70 -13.31 -19.05
CA MET A 33 -14.65 -12.58 -18.20
C MET A 33 -15.56 -13.59 -17.52
N GLY A 34 -15.44 -13.74 -16.20
CA GLY A 34 -16.34 -14.62 -15.45
C GLY A 34 -17.35 -13.81 -14.65
N VAL A 35 -18.48 -14.40 -14.24
CA VAL A 35 -18.91 -15.76 -14.56
C VAL A 35 -19.85 -15.75 -15.76
N GLY A 36 -19.63 -16.70 -16.65
CA GLY A 36 -20.54 -16.87 -17.77
C GLY A 36 -20.63 -15.68 -18.71
N ILE A 37 -19.61 -14.84 -18.74
CA ILE A 37 -19.61 -13.68 -19.63
C ILE A 37 -18.95 -14.01 -20.97
N SER A 38 -17.72 -14.55 -20.96
CA SER A 38 -17.06 -14.97 -22.19
C SER A 38 -17.08 -16.49 -22.22
N TRP A 39 -18.24 -17.05 -22.58
CA TRP A 39 -18.33 -18.49 -22.78
C TRP A 39 -18.44 -18.79 -24.27
N ASP A 40 -19.31 -19.74 -24.66
CA ASP A 40 -19.26 -20.31 -26.00
C ASP A 40 -19.60 -19.29 -27.07
N GLU A 41 -20.68 -18.55 -26.91
CA GLU A 41 -21.09 -17.64 -27.96
C GLU A 41 -20.06 -16.54 -28.18
N LEU A 42 -19.58 -15.93 -27.09
CA LEU A 42 -18.70 -14.78 -27.22
C LEU A 42 -17.33 -15.19 -27.75
N ALA A 43 -16.72 -16.21 -27.15
CA ALA A 43 -15.37 -16.57 -27.53
C ALA A 43 -15.33 -17.29 -28.87
N GLY A 44 -16.37 -18.06 -29.20
CA GLY A 44 -16.43 -18.71 -30.49
C GLY A 44 -16.54 -17.72 -31.63
N ASN A 45 -17.32 -16.64 -31.43
CA ASN A 45 -17.47 -15.66 -32.50
C ASN A 45 -16.24 -14.80 -32.63
N VAL A 46 -15.60 -14.46 -31.50
CA VAL A 46 -14.34 -13.74 -31.55
C VAL A 46 -13.30 -14.54 -32.34
N ALA A 47 -13.19 -15.84 -32.01
CA ALA A 47 -12.24 -16.68 -32.74
C ALA A 47 -12.61 -16.78 -34.22
N LYS A 48 -13.91 -16.86 -34.53
CA LYS A 48 -14.36 -16.84 -35.92
C LYS A 48 -13.82 -15.63 -36.67
N GLU A 49 -13.76 -14.49 -36.00
CA GLU A 49 -13.42 -13.20 -36.61
C GLU A 49 -11.93 -12.91 -36.64
N GLY A 50 -11.09 -13.76 -36.02
CA GLY A 50 -9.66 -13.68 -36.21
C GLY A 50 -8.85 -13.17 -35.04
N ALA A 51 -9.50 -12.77 -33.95
CA ALA A 51 -8.81 -12.48 -32.70
C ALA A 51 -8.82 -13.73 -31.82
N LEU A 52 -8.16 -13.67 -30.67
CA LEU A 52 -8.25 -14.77 -29.72
C LEU A 52 -9.58 -14.72 -28.95
N GLY A 53 -10.38 -15.77 -29.08
CA GLY A 53 -11.49 -15.98 -28.14
C GLY A 53 -11.00 -16.64 -26.86
N VAL A 54 -11.44 -16.15 -25.70
CA VAL A 54 -10.94 -16.62 -24.42
C VAL A 54 -12.11 -17.06 -23.55
N ILE A 55 -12.22 -18.36 -23.32
CA ILE A 55 -13.29 -18.93 -22.53
C ILE A 55 -12.89 -18.87 -21.05
N SER A 56 -13.67 -18.14 -20.25
CA SER A 56 -13.46 -18.17 -18.82
C SER A 56 -13.93 -19.51 -18.28
N ALA A 57 -13.10 -20.12 -17.43
CA ALA A 57 -13.38 -21.43 -16.84
C ALA A 57 -13.80 -21.34 -15.38
N VAL A 58 -14.11 -20.15 -14.86
CA VAL A 58 -14.50 -19.99 -13.46
C VAL A 58 -16.03 -19.98 -13.34
N GLY A 59 -16.53 -20.78 -12.39
CA GLY A 59 -17.97 -20.89 -12.20
C GLY A 59 -18.73 -21.49 -13.35
N THR A 60 -18.18 -22.53 -13.98
CA THR A 60 -18.85 -23.15 -15.12
C THR A 60 -20.04 -24.00 -14.70
N GLY A 61 -20.08 -24.49 -13.47
CA GLY A 61 -21.25 -25.20 -12.99
C GLY A 61 -22.55 -24.47 -13.25
N TYR A 62 -22.51 -23.14 -13.29
CA TYR A 62 -23.70 -22.36 -13.62
C TYR A 62 -24.17 -22.55 -15.05
N TYR A 63 -23.38 -23.21 -15.91
CA TYR A 63 -23.73 -23.31 -17.32
C TYR A 63 -25.09 -23.96 -17.50
N LYS A 64 -25.91 -23.38 -18.38
CA LYS A 64 -27.25 -23.90 -18.70
C LYS A 64 -28.07 -24.14 -17.43
N ASN A 65 -28.08 -23.13 -16.56
CA ASN A 65 -28.71 -23.22 -15.23
C ASN A 65 -28.34 -24.51 -14.50
N MET A 66 -27.04 -24.67 -14.22
CA MET A 66 -26.53 -25.77 -13.41
C MET A 66 -26.93 -27.13 -13.96
N ARG A 67 -27.09 -27.19 -15.29
CA ARG A 67 -27.49 -28.43 -15.95
C ARG A 67 -26.51 -29.57 -15.69
N PHE A 68 -25.23 -29.27 -15.50
CA PHE A 68 -24.19 -30.29 -15.48
C PHE A 68 -23.62 -30.53 -14.09
N VAL A 69 -24.20 -29.92 -13.08
CA VAL A 69 -23.77 -30.09 -11.69
C VAL A 69 -24.31 -31.41 -11.17
N GLU A 70 -23.63 -32.02 -10.21
CA GLU A 70 -24.12 -33.25 -9.61
C GLU A 70 -24.55 -33.10 -8.15
N ARG A 71 -24.31 -31.95 -7.52
CA ARG A 71 -24.79 -31.68 -6.17
C ARG A 71 -25.10 -30.20 -6.03
N ILE A 72 -26.33 -29.88 -5.63
CA ILE A 72 -26.80 -28.49 -5.49
C ILE A 72 -27.20 -28.27 -4.04
N VAL A 73 -26.76 -27.14 -3.47
CA VAL A 73 -27.10 -26.73 -2.11
C VAL A 73 -27.46 -25.26 -2.16
N ALA A 74 -28.69 -24.94 -1.74
CA ALA A 74 -29.20 -23.56 -1.74
C ALA A 74 -29.23 -22.99 -3.16
N LYS A 75 -29.60 -23.85 -4.12
CA LYS A 75 -29.58 -23.52 -5.54
C LYS A 75 -28.27 -22.86 -5.97
N LYS A 76 -27.15 -23.44 -5.54
CA LYS A 76 -25.81 -22.98 -5.89
C LYS A 76 -24.93 -24.22 -6.02
N PRO A 77 -24.01 -24.25 -6.99
CA PRO A 77 -23.15 -25.44 -7.13
C PRO A 77 -22.33 -25.67 -5.86
N PHE A 78 -22.37 -26.90 -5.37
CA PHE A 78 -21.73 -27.22 -4.11
C PHE A 78 -20.28 -27.61 -4.32
N GLU A 79 -19.37 -26.85 -3.71
CA GLU A 79 -17.93 -27.08 -3.70
CA GLU A 79 -17.93 -27.12 -3.70
C GLU A 79 -17.29 -26.86 -5.08
N ALA A 80 -15.96 -26.63 -5.08
CA ALA A 80 -15.23 -26.36 -6.31
C ALA A 80 -15.45 -27.42 -7.36
N LEU A 81 -15.65 -28.68 -6.94
CA LEU A 81 -15.91 -29.77 -7.87
C LEU A 81 -17.11 -29.48 -8.78
N ASN A 82 -18.11 -28.77 -8.27
CA ASN A 82 -19.30 -28.45 -9.06
C ASN A 82 -19.26 -27.06 -9.67
N PHE A 83 -18.74 -26.08 -8.94
CA PHE A 83 -18.59 -24.72 -9.45
C PHE A 83 -17.71 -24.68 -10.70
N TYR A 84 -16.56 -25.36 -10.64
CA TYR A 84 -15.66 -25.51 -11.80
C TYR A 84 -15.93 -26.87 -12.44
N SER A 85 -17.00 -26.94 -13.22
CA SER A 85 -17.51 -28.21 -13.71
C SER A 85 -16.75 -28.64 -14.97
N LYS A 86 -16.11 -29.82 -14.90
CA LYS A 86 -15.48 -30.40 -16.09
C LYS A 86 -16.51 -30.64 -17.19
N LYS A 87 -17.64 -31.24 -16.83
CA LYS A 87 -18.72 -31.50 -17.76
C LYS A 87 -19.22 -30.22 -18.43
N ALA A 88 -19.41 -29.14 -17.67
CA ALA A 88 -19.89 -27.91 -18.30
C ALA A 88 -18.81 -27.30 -19.20
N LEU A 89 -17.56 -27.30 -18.75
CA LEU A 89 -16.48 -26.64 -19.48
C LEU A 89 -16.22 -27.33 -20.81
N ASN A 90 -16.30 -28.67 -20.86
CA ASN A 90 -16.18 -29.39 -22.12
C ASN A 90 -17.28 -28.97 -23.11
N GLU A 91 -18.51 -28.84 -22.62
CA GLU A 91 -19.61 -28.46 -23.51
C GLU A 91 -19.40 -27.07 -24.09
N ILE A 92 -18.93 -26.12 -23.27
CA ILE A 92 -18.72 -24.77 -23.76
C ILE A 92 -17.65 -24.77 -24.85
N PHE A 93 -16.55 -25.49 -24.62
CA PHE A 93 -15.56 -25.68 -25.68
C PHE A 93 -16.19 -26.36 -26.88
N ALA A 94 -17.01 -27.39 -26.64
CA ALA A 94 -17.68 -28.05 -27.76
C ALA A 94 -18.54 -27.06 -28.54
N ASN A 95 -19.34 -26.27 -27.82
CA ASN A 95 -20.20 -25.30 -28.50
C ASN A 95 -19.39 -24.16 -29.11
N ALA A 96 -18.23 -23.82 -28.53
CA ALA A 96 -17.40 -22.75 -29.09
C ALA A 96 -16.79 -23.18 -30.42
N ARG A 97 -16.37 -24.45 -30.53
CA ARG A 97 -15.74 -24.93 -31.76
C ARG A 97 -16.73 -25.02 -32.93
N LYS A 98 -18.02 -25.27 -32.65
CA LYS A 98 -19.07 -25.08 -33.64
C LYS A 98 -18.92 -23.77 -34.40
N ILE A 99 -18.69 -22.68 -33.69
CA ILE A 99 -18.63 -21.38 -34.36
C ILE A 99 -17.26 -21.14 -34.96
N CYS A 100 -16.19 -21.51 -34.26
CA CYS A 100 -14.85 -21.09 -34.65
C CYS A 100 -14.01 -22.20 -35.26
N GLY A 101 -14.50 -23.44 -35.30
CA GLY A 101 -13.67 -24.50 -35.85
C GLY A 101 -12.43 -24.69 -35.00
N ASN A 102 -11.32 -25.00 -35.65
CA ASN A 102 -10.05 -25.21 -34.98
C ASN A 102 -9.24 -23.92 -34.81
N ASN A 103 -9.86 -22.76 -34.98
CA ASN A 103 -9.20 -21.51 -34.64
C ASN A 103 -8.83 -21.50 -33.16
N PRO A 104 -7.80 -20.74 -32.77
CA PRO A 104 -7.28 -20.86 -31.40
C PRO A 104 -8.23 -20.27 -30.36
N LEU A 105 -8.42 -21.01 -29.27
CA LEU A 105 -9.24 -20.57 -28.15
C LEU A 105 -8.41 -20.62 -26.88
N GLY A 106 -8.42 -19.52 -26.13
CA GLY A 106 -7.85 -19.51 -24.81
C GLY A 106 -8.83 -19.97 -23.74
N ALA A 107 -8.28 -20.32 -22.58
CA ALA A 107 -9.02 -20.56 -21.35
C ALA A 107 -8.43 -19.70 -20.25
N ASN A 108 -9.28 -18.99 -19.49
CA ASN A 108 -8.86 -18.09 -18.44
C ASN A 108 -9.17 -18.71 -17.06
N ILE A 109 -8.18 -18.72 -16.17
CA ILE A 109 -8.30 -19.40 -14.88
C ILE A 109 -7.56 -18.55 -13.86
N LEU A 110 -8.29 -17.95 -12.93
CA LEU A 110 -7.63 -17.26 -11.84
C LEU A 110 -6.79 -18.26 -11.03
N TYR A 111 -5.56 -17.85 -10.69
CA TYR A 111 -4.72 -18.66 -9.79
C TYR A 111 -5.35 -18.80 -8.41
N ALA A 112 -6.15 -17.81 -7.98
CA ALA A 112 -6.76 -17.83 -6.66
C ALA A 112 -7.70 -19.02 -6.43
N ILE A 113 -8.24 -19.64 -7.49
CA ILE A 113 -9.34 -20.58 -7.29
C ILE A 113 -8.86 -21.84 -6.58
N ASN A 114 -9.79 -22.52 -5.94
CA ASN A 114 -9.53 -23.87 -5.50
C ASN A 114 -9.58 -24.82 -6.69
N ASP A 115 -8.83 -25.91 -6.59
CA ASP A 115 -8.70 -26.90 -7.67
C ASP A 115 -8.06 -26.30 -8.91
N TYR A 116 -7.11 -25.37 -8.73
CA TYR A 116 -6.49 -24.72 -9.86
C TYR A 116 -5.95 -25.76 -10.84
N GLY A 117 -5.06 -26.63 -10.36
CA GLY A 117 -4.47 -27.65 -11.21
C GLY A 117 -5.49 -28.48 -11.96
N ARG A 118 -6.57 -28.88 -11.28
CA ARG A 118 -7.60 -29.70 -11.92
C ARG A 118 -8.28 -28.94 -13.06
N VAL A 119 -8.50 -27.64 -12.89
CA VAL A 119 -9.21 -26.89 -13.93
C VAL A 119 -8.31 -26.66 -15.13
N LEU A 120 -7.00 -26.45 -14.91
CA LEU A 120 -6.07 -26.32 -16.04
C LEU A 120 -6.06 -27.59 -16.89
N ARG A 121 -5.99 -28.77 -16.25
CA ARG A 121 -6.00 -30.00 -17.04
C ARG A 121 -7.38 -30.23 -17.67
N ASP A 122 -8.47 -29.92 -16.94
CA ASP A 122 -9.79 -29.92 -17.56
C ASP A 122 -9.82 -28.99 -18.77
N SER A 123 -9.20 -27.81 -18.64
CA SER A 123 -9.16 -26.87 -19.75
C SER A 123 -8.36 -27.42 -20.93
N CYS A 124 -7.17 -27.98 -20.68
CA CYS A 124 -6.42 -28.63 -21.77
C CYS A 124 -7.22 -29.77 -22.38
N GLU A 125 -7.79 -30.65 -21.54
CA GLU A 125 -8.58 -31.76 -22.03
C GLU A 125 -9.83 -31.29 -22.77
N ALA A 126 -10.39 -30.14 -22.38
CA ALA A 126 -11.52 -29.60 -23.13
C ALA A 126 -11.12 -29.19 -24.54
N GLY A 127 -9.84 -28.91 -24.76
CA GLY A 127 -9.39 -28.57 -26.10
C GLY A 127 -8.74 -27.21 -26.19
N ALA A 128 -8.38 -26.62 -25.05
CA ALA A 128 -7.84 -25.28 -25.07
C ALA A 128 -6.45 -25.25 -25.73
N ASN A 129 -6.19 -24.16 -26.47
CA ASN A 129 -4.87 -23.96 -27.08
C ASN A 129 -3.97 -23.06 -26.25
N ILE A 130 -4.53 -22.27 -25.33
CA ILE A 130 -3.81 -21.27 -24.53
C ILE A 130 -4.48 -21.18 -23.16
N ILE A 131 -3.67 -21.23 -22.09
CA ILE A 131 -4.13 -20.99 -20.72
C ILE A 131 -3.67 -19.60 -20.30
N ILE A 132 -4.60 -18.78 -19.79
CA ILE A 132 -4.33 -17.44 -19.28
C ILE A 132 -4.64 -17.42 -17.79
N THR A 133 -3.64 -17.02 -16.96
CA THR A 133 -3.83 -17.04 -15.51
C THR A 133 -3.36 -15.75 -14.85
N GLY A 134 -4.30 -15.06 -14.20
CA GLY A 134 -3.97 -13.97 -13.30
C GLY A 134 -4.44 -14.24 -11.88
N ALA A 135 -4.73 -13.17 -11.12
CA ALA A 135 -5.17 -13.25 -9.72
C ALA A 135 -4.21 -14.07 -8.88
N GLY A 136 -2.95 -13.66 -8.91
CA GLY A 136 -1.91 -14.44 -8.27
C GLY A 136 -0.70 -14.65 -9.18
N LEU A 137 0.38 -15.13 -8.61
CA LEU A 137 1.64 -15.32 -9.31
C LEU A 137 1.74 -16.80 -9.64
N PRO A 138 1.42 -17.23 -10.88
CA PRO A 138 1.28 -18.67 -11.19
C PRO A 138 2.66 -19.32 -11.37
N THR A 139 3.32 -19.60 -10.25
CA THR A 139 4.70 -20.07 -10.30
C THR A 139 4.80 -21.53 -10.71
N ASN A 140 3.71 -22.30 -10.66
CA ASN A 140 3.77 -23.73 -10.97
C ASN A 140 2.92 -24.09 -12.18
N MET A 141 2.55 -23.09 -12.98
CA MET A 141 1.65 -23.34 -14.10
C MET A 141 2.13 -24.41 -15.09
N PRO A 142 3.42 -24.54 -15.44
CA PRO A 142 3.81 -25.63 -16.37
C PRO A 142 3.67 -27.01 -15.74
N GLU A 143 3.67 -27.10 -14.41
CA GLU A 143 3.51 -28.39 -13.74
C GLU A 143 2.23 -29.08 -14.19
N PHE A 144 1.12 -28.33 -14.24
CA PHE A 144 -0.17 -28.91 -14.58
C PHE A 144 -0.37 -29.11 -16.08
N ALA A 145 0.40 -28.41 -16.93
CA ALA A 145 0.25 -28.54 -18.37
C ALA A 145 1.19 -29.56 -18.98
N LYS A 146 1.92 -30.32 -18.17
CA LYS A 146 3.06 -31.11 -18.68
C LYS A 146 2.63 -32.15 -19.71
N ASP A 147 1.38 -32.60 -19.68
CA ASP A 147 0.91 -33.57 -20.65
C ASP A 147 0.51 -32.94 -21.97
N PHE A 148 0.63 -31.60 -22.10
CA PHE A 148 0.04 -30.84 -23.20
C PHE A 148 1.05 -29.79 -23.66
N SER A 149 2.09 -30.27 -24.36
CA SER A 149 3.19 -29.40 -24.79
C SER A 149 2.78 -28.43 -25.88
N ASP A 150 1.57 -28.56 -26.45
CA ASP A 150 1.10 -27.63 -27.47
C ASP A 150 0.41 -26.41 -26.88
N VAL A 151 -0.03 -26.47 -25.63
CA VAL A 151 -0.79 -25.38 -25.02
C VAL A 151 0.20 -24.29 -24.60
N ALA A 152 -0.03 -23.07 -25.04
CA ALA A 152 0.79 -21.96 -24.56
C ALA A 152 0.27 -21.48 -23.21
N LEU A 153 1.17 -20.92 -22.41
CA LEU A 153 0.86 -20.51 -21.04
C LEU A 153 1.17 -19.03 -20.90
N ILE A 154 0.18 -18.26 -20.50
CA ILE A 154 0.30 -16.80 -20.48
C ILE A 154 -0.11 -16.27 -19.11
N PRO A 155 0.82 -15.88 -18.25
CA PRO A 155 0.42 -15.22 -17.01
C PRO A 155 0.02 -13.77 -17.27
N ILE A 156 -0.78 -13.26 -16.35
CA ILE A 156 -1.12 -11.84 -16.30
C ILE A 156 -0.30 -11.23 -15.18
N ILE A 157 0.32 -10.09 -15.46
CA ILE A 157 1.17 -9.40 -14.50
C ILE A 157 0.83 -7.92 -14.57
N SER A 158 1.29 -7.17 -13.57
CA SER A 158 1.09 -5.73 -13.56
C SER A 158 2.38 -4.96 -13.34
N SER A 159 3.53 -5.64 -13.37
CA SER A 159 4.82 -5.01 -13.13
C SER A 159 5.95 -5.81 -13.77
N ALA A 160 7.07 -5.14 -14.00
CA ALA A 160 8.24 -5.84 -14.55
C ALA A 160 8.83 -6.79 -13.51
N LYS A 161 8.71 -6.42 -12.24
CA LYS A 161 9.16 -7.28 -11.15
C LYS A 161 8.51 -8.66 -11.22
N ALA A 162 7.20 -8.72 -11.51
CA ALA A 162 6.50 -9.99 -11.60
C ALA A 162 7.02 -10.85 -12.75
N LEU A 163 7.34 -10.22 -13.89
CA LEU A 163 7.93 -10.95 -14.99
C LEU A 163 9.24 -11.61 -14.56
N LYS A 164 10.16 -10.81 -14.03
CA LYS A 164 11.44 -11.33 -13.58
C LYS A 164 11.25 -12.50 -12.62
N ILE A 165 10.36 -12.34 -11.63
CA ILE A 165 10.13 -13.41 -10.65
C ILE A 165 9.64 -14.68 -11.34
N LEU A 166 8.61 -14.57 -12.19
CA LEU A 166 8.04 -15.77 -12.79
C LEU A 166 9.02 -16.43 -13.76
N CYS A 167 9.78 -15.64 -14.52
CA CYS A 167 10.73 -16.23 -15.45
C CYS A 167 11.82 -16.97 -14.70
N LYS A 168 12.27 -16.43 -13.57
CA LYS A 168 13.25 -17.12 -12.75
C LYS A 168 12.70 -18.44 -12.21
N ARG A 169 11.49 -18.43 -11.62
CA ARG A 169 10.95 -19.67 -11.06
C ARG A 169 10.75 -20.72 -12.13
N TRP A 170 10.08 -20.35 -13.22
CA TRP A 170 9.78 -21.33 -14.26
C TRP A 170 11.06 -21.91 -14.86
N SER A 171 12.12 -21.11 -14.99
CA SER A 171 13.33 -21.68 -15.57
C SER A 171 14.06 -22.55 -14.56
N ASP A 172 14.28 -22.03 -13.34
CA ASP A 172 14.78 -22.83 -12.24
C ASP A 172 14.08 -24.18 -12.15
N ARG A 173 12.75 -24.17 -12.10
CA ARG A 173 11.99 -25.39 -11.88
C ARG A 173 11.80 -26.22 -13.15
N TYR A 174 11.49 -25.59 -14.28
CA TYR A 174 11.02 -26.32 -15.44
C TYR A 174 11.88 -26.13 -16.68
N LYS A 175 12.87 -25.24 -16.62
CA LYS A 175 13.67 -24.84 -17.80
C LYS A 175 12.75 -24.38 -18.93
N ARG A 176 11.62 -23.82 -18.55
CA ARG A 176 10.61 -23.31 -19.45
C ARG A 176 10.34 -21.85 -19.14
N ILE A 177 9.88 -21.15 -20.15
CA ILE A 177 9.53 -19.74 -20.03
C ILE A 177 8.15 -19.50 -20.61
N PRO A 178 7.40 -18.54 -20.04
CA PRO A 178 6.06 -18.27 -20.54
C PRO A 178 6.08 -17.88 -22.01
N ASP A 179 5.10 -18.40 -22.75
CA ASP A 179 4.95 -18.03 -24.14
C ASP A 179 4.53 -16.58 -24.33
N ALA A 180 3.87 -15.98 -23.35
CA ALA A 180 3.56 -14.55 -23.40
C ALA A 180 3.25 -14.06 -21.99
N PHE A 181 3.19 -12.74 -21.84
CA PHE A 181 2.69 -12.05 -20.66
C PHE A 181 1.63 -11.05 -21.06
N ILE A 182 0.56 -10.96 -20.29
CA ILE A 182 -0.39 -9.86 -20.41
C ILE A 182 -0.10 -8.87 -19.31
N VAL A 183 0.27 -7.65 -19.68
CA VAL A 183 0.40 -6.55 -18.73
C VAL A 183 -0.97 -5.90 -18.57
N GLU A 184 -1.51 -5.92 -17.36
CA GLU A 184 -2.83 -5.37 -17.08
C GLU A 184 -2.71 -4.10 -16.25
N GLY A 185 -3.17 -2.99 -16.81
CA GLY A 185 -3.13 -1.71 -16.15
C GLY A 185 -4.34 -1.43 -15.29
N PRO A 186 -4.28 -0.33 -14.56
CA PRO A 186 -5.33 -0.02 -13.56
C PRO A 186 -6.67 0.44 -14.15
N LEU A 187 -6.82 0.57 -15.47
CA LEU A 187 -8.12 0.90 -16.05
C LEU A 187 -8.96 -0.33 -16.36
N SER A 188 -8.52 -1.51 -15.93
CA SER A 188 -9.12 -2.76 -16.36
C SER A 188 -10.39 -3.06 -15.57
N GLY A 189 -11.15 -4.03 -16.06
CA GLY A 189 -12.30 -4.53 -15.34
C GLY A 189 -11.90 -5.64 -14.37
N GLY A 190 -12.82 -5.99 -13.47
CA GLY A 190 -12.53 -7.06 -12.53
C GLY A 190 -11.42 -6.65 -11.57
N HIS A 191 -10.63 -7.64 -11.16
CA HIS A 191 -9.64 -7.46 -10.11
C HIS A 191 -8.37 -6.79 -10.64
N GLN A 192 -7.80 -5.92 -9.82
CA GLN A 192 -6.65 -5.11 -10.20
C GLN A 192 -5.38 -5.77 -9.70
N GLY A 193 -4.31 -5.65 -10.49
CA GLY A 193 -3.04 -6.23 -10.11
C GLY A 193 -2.25 -5.18 -9.35
N PHE A 194 -2.97 -4.22 -8.78
CA PHE A 194 -2.38 -3.02 -8.23
C PHE A 194 -2.68 -2.81 -6.77
N LYS A 195 -1.61 -2.41 -6.09
CA LYS A 195 -1.61 -1.65 -4.86
C LYS A 195 -2.96 -0.99 -4.65
N TYR A 196 -3.68 -1.65 -3.75
CA TYR A 196 -4.99 -1.32 -3.20
C TYR A 196 -5.14 0.18 -3.21
N GLU A 197 -4.04 0.84 -3.00
CA GLU A 197 -4.12 2.27 -2.85
C GLU A 197 -3.88 3.00 -4.15
N ASP A 198 -2.84 2.54 -4.83
CA ASP A 198 -2.29 3.30 -5.95
C ASP A 198 -3.23 3.66 -7.08
N CYS A 199 -3.53 2.75 -7.97
CA CYS A 199 -4.57 2.93 -9.00
C CYS A 199 -4.40 4.16 -9.89
N PHE A 200 -4.49 5.40 -9.43
CA PHE A 200 -4.47 6.57 -10.31
C PHE A 200 -3.14 7.29 -10.33
N LYS A 201 -2.12 6.80 -9.67
CA LYS A 201 -0.77 7.38 -9.70
C LYS A 201 -0.31 7.35 -11.14
N GLU A 202 0.45 8.33 -11.56
CA GLU A 202 0.97 8.46 -12.93
C GLU A 202 1.85 7.31 -13.28
N GLU A 203 2.63 6.82 -12.36
CA GLU A 203 3.67 5.81 -12.53
C GLU A 203 3.15 4.47 -13.03
N PHE A 204 1.93 4.15 -12.68
CA PHE A 204 1.26 2.87 -12.90
C PHE A 204 0.38 2.85 -14.12
N ARG A 205 0.37 3.96 -14.81
CA ARG A 205 -0.37 4.10 -16.05
C ARG A 205 0.16 3.12 -17.10
N LEU A 206 -0.76 2.54 -17.88
CA LEU A 206 -0.40 1.45 -18.79
C LEU A 206 0.63 1.88 -19.82
N GLU A 207 0.54 3.12 -20.30
CA GLU A 207 1.58 3.64 -21.19
C GLU A 207 2.96 3.62 -20.56
N ASN A 208 3.06 3.56 -19.22
CA ASN A 208 4.35 3.49 -18.54
C ASN A 208 4.77 2.06 -18.21
N LEU A 209 3.82 1.20 -17.81
CA LEU A 209 4.16 -0.19 -17.51
C LEU A 209 4.71 -0.91 -18.73
N VAL A 210 4.05 -0.74 -19.88
CA VAL A 210 4.40 -1.53 -21.06
C VAL A 210 5.86 -1.34 -21.49
N PRO A 211 6.38 -0.11 -21.62
CA PRO A 211 7.82 0.04 -21.79
C PRO A 211 8.65 -0.71 -20.75
N LYS A 212 8.29 -0.61 -19.47
CA LYS A 212 9.08 -1.26 -18.42
C LYS A 212 9.07 -2.78 -18.54
N VAL A 213 7.90 -3.36 -18.82
CA VAL A 213 7.82 -4.81 -18.95
C VAL A 213 8.50 -5.30 -20.24
N VAL A 214 8.32 -4.58 -21.36
CA VAL A 214 9.00 -4.99 -22.60
C VAL A 214 10.51 -4.95 -22.41
N GLU A 215 11.00 -3.92 -21.73
CA GLU A 215 12.43 -3.82 -21.45
C GLU A 215 12.91 -5.06 -20.71
N ALA A 216 12.26 -5.37 -19.59
CA ALA A 216 12.62 -6.55 -18.80
C ALA A 216 12.47 -7.82 -19.62
N SER A 217 11.44 -7.88 -20.45
CA SER A 217 11.20 -9.07 -21.27
C SER A 217 12.32 -9.39 -22.25
N LYS A 218 13.14 -8.39 -22.61
CA LYS A 218 14.28 -8.61 -23.52
C LYS A 218 15.31 -9.57 -22.95
N GLU A 219 15.46 -9.52 -21.63
CA GLU A 219 16.44 -10.29 -20.93
C GLU A 219 16.06 -11.74 -20.86
N TRP A 220 14.84 -12.09 -21.28
CA TRP A 220 14.41 -13.48 -21.26
C TRP A 220 14.00 -13.99 -22.63
N GLY A 221 14.62 -13.48 -23.68
CA GLY A 221 14.28 -13.96 -24.99
C GLY A 221 13.10 -13.28 -25.62
N ASN A 222 12.84 -12.01 -25.28
CA ASN A 222 11.84 -11.21 -25.97
C ASN A 222 10.47 -11.89 -25.93
N ILE A 223 9.99 -12.11 -24.70
CA ILE A 223 8.66 -12.68 -24.52
C ILE A 223 7.62 -11.69 -25.04
N PRO A 224 6.66 -12.11 -25.86
CA PRO A 224 5.62 -11.18 -26.34
C PRO A 224 4.76 -10.65 -25.19
N ILE A 225 4.61 -9.33 -25.15
CA ILE A 225 3.89 -8.61 -24.11
C ILE A 225 2.57 -8.09 -24.68
N ILE A 226 1.48 -8.51 -24.07
CA ILE A 226 0.14 -8.11 -24.49
C ILE A 226 -0.38 -7.10 -23.48
N ALA A 227 -0.71 -5.91 -23.98
CA ALA A 227 -1.19 -4.80 -23.15
C ALA A 227 -2.70 -4.89 -22.95
N ALA A 228 -3.14 -4.58 -21.74
CA ALA A 228 -4.56 -4.66 -21.41
C ALA A 228 -4.86 -3.63 -20.34
N GLY A 229 -6.08 -3.11 -20.40
CA GLY A 229 -6.57 -2.15 -19.42
C GLY A 229 -6.83 -0.77 -19.99
N GLY A 230 -8.06 -0.48 -20.37
CA GLY A 230 -8.38 0.83 -20.91
C GLY A 230 -8.16 1.02 -22.40
N ILE A 231 -7.85 -0.04 -23.13
CA ILE A 231 -7.67 0.06 -24.59
C ILE A 231 -9.05 0.06 -25.23
N TRP A 232 -9.40 1.17 -25.90
CA TRP A 232 -10.75 1.34 -26.42
C TRP A 232 -10.86 1.12 -27.93
N ASP A 233 -9.99 1.76 -28.72
CA ASP A 233 -10.13 1.78 -30.17
C ASP A 233 -8.76 1.56 -30.83
N ARG A 234 -8.78 1.54 -32.18
CA ARG A 234 -7.57 1.34 -32.97
C ARG A 234 -6.47 2.35 -32.66
N LYS A 235 -6.83 3.58 -32.29
CA LYS A 235 -5.82 4.54 -31.87
C LYS A 235 -5.11 4.07 -30.60
N ASP A 236 -5.87 3.61 -29.60
CA ASP A 236 -5.26 3.04 -28.40
C ASP A 236 -4.40 1.84 -28.75
N ILE A 237 -4.90 0.97 -29.64
CA ILE A 237 -4.14 -0.19 -30.06
C ILE A 237 -2.79 0.23 -30.61
N ASP A 238 -2.79 1.17 -31.57
CA ASP A 238 -1.55 1.64 -32.17
C ASP A 238 -0.62 2.23 -31.12
N THR A 239 -1.17 2.95 -30.14
CA THR A 239 -0.32 3.47 -29.06
C THR A 239 0.43 2.35 -28.38
N MET A 240 -0.28 1.30 -27.96
CA MET A 240 0.38 0.22 -27.22
C MET A 240 1.40 -0.51 -28.09
N LEU A 241 1.07 -0.79 -29.36
CA LEU A 241 2.02 -1.46 -30.24
C LEU A 241 3.29 -0.62 -30.43
N SER A 242 3.13 0.70 -30.54
CA SER A 242 4.28 1.57 -30.70
C SER A 242 5.14 1.65 -29.44
N LEU A 243 4.59 1.28 -28.28
CA LEU A 243 5.33 1.26 -27.02
C LEU A 243 6.04 -0.07 -26.76
N GLY A 244 6.01 -1.00 -27.70
CA GLY A 244 6.72 -2.26 -27.59
C GLY A 244 5.83 -3.48 -27.45
N ALA A 245 4.52 -3.29 -27.25
CA ALA A 245 3.61 -4.41 -27.13
C ALA A 245 3.47 -5.15 -28.45
N SER A 246 3.30 -6.47 -28.36
CA SER A 246 3.08 -7.31 -29.53
C SER A 246 1.61 -7.49 -29.85
N GLY A 247 0.73 -7.11 -28.93
CA GLY A 247 -0.69 -7.40 -29.00
C GLY A 247 -1.38 -6.66 -27.88
N VAL A 248 -2.71 -6.61 -27.98
CA VAL A 248 -3.55 -6.03 -26.93
C VAL A 248 -4.56 -7.08 -26.52
N GLN A 249 -4.97 -7.00 -25.26
CA GLN A 249 -6.13 -7.70 -24.75
C GLN A 249 -7.19 -6.67 -24.40
N MET A 250 -8.44 -6.94 -24.78
CA MET A 250 -9.53 -6.00 -24.60
C MET A 250 -10.75 -6.75 -24.09
N ALA A 251 -11.44 -6.20 -23.09
CA ALA A 251 -12.61 -6.87 -22.54
C ALA A 251 -13.87 -6.03 -22.57
N THR A 252 -13.79 -4.75 -22.16
CA THR A 252 -15.01 -3.94 -22.03
C THR A 252 -15.73 -3.76 -23.36
N ARG A 253 -14.99 -3.56 -24.46
CA ARG A 253 -15.63 -3.44 -25.78
C ARG A 253 -16.37 -4.73 -26.14
N PHE A 254 -15.78 -5.90 -25.85
CA PHE A 254 -16.48 -7.16 -26.11
C PHE A 254 -17.60 -7.38 -25.10
N LEU A 255 -17.46 -6.83 -23.89
CA LEU A 255 -18.56 -6.91 -22.92
C LEU A 255 -19.81 -6.26 -23.49
N GLY A 256 -19.64 -5.23 -24.32
CA GLY A 256 -20.73 -4.56 -25.03
C GLY A 256 -21.08 -5.08 -26.41
N THR A 257 -20.96 -6.39 -26.64
CA THR A 257 -21.38 -6.98 -27.90
C THR A 257 -22.56 -7.90 -27.66
N LYS A 258 -23.30 -8.15 -28.75
CA LYS A 258 -24.50 -8.98 -28.68
C LYS A 258 -24.16 -10.40 -28.29
N GLU A 259 -23.01 -10.91 -28.77
CA GLU A 259 -22.61 -12.29 -28.53
C GLU A 259 -22.15 -12.56 -27.09
N CYS A 260 -22.04 -11.53 -26.25
CA CYS A 260 -21.71 -11.71 -24.84
C CYS A 260 -22.67 -12.71 -24.21
N ASP A 261 -22.13 -13.71 -23.53
CA ASP A 261 -22.96 -14.81 -23.02
C ASP A 261 -23.75 -14.40 -21.79
N ALA A 262 -23.40 -13.30 -21.15
CA ALA A 262 -24.09 -12.78 -19.98
C ALA A 262 -25.05 -11.71 -20.49
N LYS A 263 -26.26 -12.16 -20.90
CA LYS A 263 -27.13 -11.31 -21.71
C LYS A 263 -27.57 -10.04 -20.98
N VAL A 264 -27.49 -10.02 -19.65
CA VAL A 264 -27.94 -8.85 -18.88
C VAL A 264 -27.13 -7.61 -19.23
N TYR A 265 -25.87 -7.79 -19.65
CA TYR A 265 -24.98 -6.65 -19.90
C TYR A 265 -25.42 -5.79 -21.06
N ALA A 266 -26.21 -6.34 -22.00
CA ALA A 266 -26.72 -5.53 -23.11
C ALA A 266 -27.74 -4.50 -22.63
N ASP A 267 -28.49 -4.80 -21.56
CA ASP A 267 -29.44 -3.83 -21.01
C ASP A 267 -28.76 -2.81 -20.10
N LEU A 268 -27.69 -3.24 -19.43
CA LEU A 268 -27.11 -2.49 -18.33
C LEU A 268 -26.15 -1.41 -18.81
N LEU A 269 -25.30 -1.74 -19.80
CA LEU A 269 -24.15 -0.94 -20.21
C LEU A 269 -24.56 0.36 -20.90
N PRO A 270 -25.59 0.37 -21.75
CA PRO A 270 -26.00 1.68 -22.34
C PRO A 270 -26.46 2.71 -21.32
N THR A 271 -26.99 2.28 -20.16
CA THR A 271 -27.32 3.23 -19.10
C THR A 271 -26.11 3.64 -18.25
N LEU A 272 -25.03 2.85 -18.25
CA LEU A 272 -23.93 3.05 -17.30
C LEU A 272 -23.32 4.44 -17.40
N LYS A 273 -23.21 5.12 -16.25
CA LYS A 273 -22.58 6.43 -16.15
C LYS A 273 -21.29 6.30 -15.37
N LYS A 274 -20.33 7.16 -15.69
CA LYS A 274 -19.00 7.06 -15.08
C LYS A 274 -19.11 7.13 -13.55
N GLU A 275 -20.12 7.85 -13.04
CA GLU A 275 -20.31 8.03 -11.61
C GLU A 275 -20.71 6.73 -10.91
N ASP A 276 -21.17 5.74 -11.67
CA ASP A 276 -21.55 4.44 -11.09
C ASP A 276 -20.49 3.36 -11.32
N ILE A 277 -19.29 3.72 -11.77
CA ILE A 277 -18.16 2.78 -11.81
C ILE A 277 -17.30 3.04 -10.58
N LEU A 278 -17.08 2.00 -9.77
CA LEU A 278 -16.42 2.18 -8.48
C LEU A 278 -15.50 1.00 -8.20
N LEU A 279 -14.47 1.29 -7.43
CA LEU A 279 -13.50 0.30 -7.05
C LEU A 279 -13.90 -0.22 -5.67
N ILE A 280 -14.09 -1.54 -5.56
CA ILE A 280 -14.62 -2.14 -4.35
C ILE A 280 -13.63 -3.17 -3.83
N LYS A 281 -13.91 -3.66 -2.61
CA LYS A 281 -13.16 -4.73 -1.98
C LYS A 281 -13.72 -6.08 -2.42
N SER A 282 -12.89 -7.11 -2.33
CA SER A 282 -13.27 -8.42 -2.85
C SER A 282 -12.75 -9.53 -1.94
N PRO A 283 -13.46 -10.66 -1.88
CA PRO A 283 -12.92 -11.83 -1.17
C PRO A 283 -11.66 -12.39 -1.83
N VAL A 284 -11.44 -12.13 -3.13
CA VAL A 284 -10.25 -12.66 -3.79
C VAL A 284 -8.98 -12.03 -3.20
N GLY A 285 -9.09 -10.84 -2.62
CA GLY A 285 -7.94 -10.17 -2.01
C GLY A 285 -7.41 -8.98 -2.77
N TYR A 286 -7.95 -8.70 -3.95
CA TYR A 286 -7.55 -7.58 -4.78
C TYR A 286 -8.73 -6.63 -4.92
N PRO A 287 -8.47 -5.34 -5.10
CA PRO A 287 -9.55 -4.43 -5.50
C PRO A 287 -10.17 -4.87 -6.82
N ALA A 288 -11.48 -4.61 -6.97
CA ALA A 288 -12.23 -4.97 -8.16
C ALA A 288 -12.97 -3.76 -8.70
N ARG A 289 -13.03 -3.63 -10.01
CA ARG A 289 -13.76 -2.52 -10.63
C ARG A 289 -15.16 -3.01 -10.96
N ALA A 290 -16.15 -2.43 -10.30
CA ALA A 290 -17.52 -2.93 -10.33
C ALA A 290 -18.47 -1.80 -10.71
N ILE A 291 -19.67 -2.19 -11.11
CA ILE A 291 -20.77 -1.25 -11.34
C ILE A 291 -21.60 -1.13 -10.07
N ASN A 292 -21.86 0.12 -9.65
CA ASN A 292 -22.66 0.41 -8.44
C ASN A 292 -24.11 0.04 -8.68
N THR A 293 -24.39 -1.26 -8.61
CA THR A 293 -25.72 -1.78 -8.88
C THR A 293 -25.74 -3.19 -8.32
N GLY A 294 -26.93 -3.77 -8.24
CA GLY A 294 -27.01 -5.15 -7.74
C GLY A 294 -26.59 -5.24 -6.29
N VAL A 295 -25.76 -6.25 -5.99
CA VAL A 295 -25.33 -6.50 -4.60
C VAL A 295 -24.79 -5.23 -3.99
N ILE A 296 -24.07 -4.43 -4.78
CA ILE A 296 -23.39 -3.27 -4.22
C ILE A 296 -24.40 -2.26 -3.68
N LYS A 297 -25.57 -2.17 -4.33
CA LYS A 297 -26.65 -1.35 -3.80
C LYS A 297 -27.30 -2.02 -2.60
N ARG A 298 -27.55 -3.33 -2.69
CA ARG A 298 -28.16 -4.07 -1.58
C ARG A 298 -27.32 -3.99 -0.31
N ILE A 299 -26.00 -3.93 -0.42
CA ILE A 299 -25.17 -3.77 0.77
C ILE A 299 -25.40 -2.40 1.39
N GLU A 300 -25.35 -1.35 0.57
CA GLU A 300 -25.50 0.00 1.09
C GLU A 300 -26.92 0.23 1.63
N GLU A 301 -27.90 -0.50 1.10
CA GLU A 301 -29.25 -0.47 1.65
C GLU A 301 -29.39 -1.24 2.95
N GLY A 302 -28.49 -2.18 3.24
CA GLY A 302 -28.66 -3.05 4.39
C GLY A 302 -29.54 -4.22 4.10
N ASN A 303 -29.65 -4.60 2.81
CA ASN A 303 -30.57 -5.56 2.22
C ASN A 303 -29.77 -6.66 1.53
N ALA A 304 -28.52 -6.84 1.95
CA ALA A 304 -27.62 -7.73 1.21
C ALA A 304 -27.99 -9.18 1.46
N PRO A 305 -27.83 -10.06 0.48
CA PRO A 305 -28.16 -11.48 0.69
C PRO A 305 -27.25 -12.11 1.73
N LYS A 306 -27.66 -13.29 2.19
CA LYS A 306 -26.87 -13.95 3.23
C LYS A 306 -25.64 -14.61 2.62
N ILE A 307 -24.56 -14.66 3.40
CA ILE A 307 -23.29 -15.24 3.00
C ILE A 307 -23.15 -16.58 3.70
N ALA A 308 -23.18 -17.67 2.94
CA ALA A 308 -22.94 -19.01 3.48
C ALA A 308 -22.19 -19.82 2.43
N CYS A 309 -20.87 -19.97 2.62
CA CYS A 309 -19.97 -20.50 1.58
C CYS A 309 -20.41 -21.88 1.09
N VAL A 310 -20.98 -21.95 -0.11
CA VAL A 310 -21.36 -23.22 -0.74
C VAL A 310 -20.37 -23.63 -1.84
N SER A 311 -20.04 -22.70 -2.76
CA SER A 311 -19.19 -23.04 -3.90
C SER A 311 -17.70 -23.12 -3.56
N ASN A 312 -17.24 -22.37 -2.56
CA ASN A 312 -15.82 -22.33 -2.14
C ASN A 312 -14.92 -22.06 -3.34
N CYS A 313 -15.18 -20.92 -3.97
CA CYS A 313 -14.60 -20.62 -5.27
C CYS A 313 -13.10 -20.36 -5.17
N VAL A 314 -12.67 -19.52 -4.24
CA VAL A 314 -11.29 -19.08 -4.19
C VAL A 314 -10.67 -19.33 -2.82
N ALA A 315 -9.40 -19.71 -2.81
CA ALA A 315 -8.69 -20.01 -1.57
C ALA A 315 -8.50 -18.81 -0.64
N PRO A 316 -8.19 -17.59 -1.10
CA PRO A 316 -7.98 -16.49 -0.13
C PRO A 316 -9.20 -16.19 0.74
N CYS A 317 -10.40 -16.68 0.39
CA CYS A 317 -11.58 -16.30 1.12
C CYS A 317 -11.67 -17.02 2.45
N ASN A 318 -11.03 -18.19 2.56
CA ASN A 318 -11.22 -19.08 3.72
C ASN A 318 -12.69 -19.24 4.01
N ARG A 319 -13.40 -19.65 3.03
CA ARG A 319 -14.81 -20.08 3.10
C ARG A 319 -15.81 -19.15 3.82
N GLY A 320 -15.86 -17.85 3.53
CA GLY A 320 -16.73 -16.89 4.19
C GLY A 320 -15.97 -15.83 4.95
N GLU A 321 -14.73 -16.11 5.36
CA GLU A 321 -14.10 -15.15 6.24
C GLU A 321 -13.93 -13.81 5.55
N GLU A 322 -13.40 -13.83 4.33
CA GLU A 322 -13.22 -12.57 3.61
C GLU A 322 -14.52 -12.08 2.97
N ALA A 323 -15.40 -12.99 2.57
CA ALA A 323 -16.67 -12.59 1.97
C ALA A 323 -17.56 -11.88 2.99
N LYS A 324 -17.66 -12.45 4.20
CA LYS A 324 -18.41 -11.78 5.26
C LYS A 324 -17.81 -10.43 5.62
N LYS A 325 -16.50 -10.27 5.49
CA LYS A 325 -15.95 -8.98 5.87
C LYS A 325 -16.09 -7.94 4.78
N VAL A 326 -16.14 -8.35 3.50
CA VAL A 326 -16.33 -7.39 2.41
C VAL A 326 -17.82 -7.12 2.14
N GLY A 327 -18.69 -8.11 2.36
CA GLY A 327 -20.12 -7.91 2.24
C GLY A 327 -20.82 -8.83 1.28
N TYR A 328 -20.08 -9.57 0.44
CA TYR A 328 -20.69 -10.37 -0.61
C TYR A 328 -19.84 -11.59 -0.91
N CYS A 329 -20.50 -12.64 -1.37
CA CYS A 329 -19.89 -13.80 -1.97
C CYS A 329 -19.74 -13.57 -3.48
N ILE A 330 -18.49 -13.64 -3.97
CA ILE A 330 -18.28 -13.29 -5.37
C ILE A 330 -18.77 -14.42 -6.28
N ALA A 331 -18.69 -15.67 -5.85
CA ALA A 331 -19.24 -16.76 -6.67
C ALA A 331 -20.74 -16.61 -6.82
N ASP A 332 -21.43 -16.33 -5.71
CA ASP A 332 -22.87 -16.17 -5.74
C ASP A 332 -23.26 -14.92 -6.50
N GLY A 333 -22.53 -13.82 -6.31
CA GLY A 333 -22.90 -12.57 -6.97
C GLY A 333 -22.71 -12.64 -8.47
N LEU A 334 -21.59 -13.13 -8.96
CA LEU A 334 -21.36 -13.30 -10.41
C LEU A 334 -22.27 -14.40 -10.91
N GLY A 335 -22.52 -15.41 -10.14
CA GLY A 335 -23.38 -16.50 -10.60
C GLY A 335 -24.77 -16.03 -10.93
N ARG A 336 -25.33 -15.19 -10.10
CA ARG A 336 -26.69 -14.62 -10.23
C ARG A 336 -26.80 -13.72 -11.45
N SER A 337 -25.76 -12.99 -11.77
CA SER A 337 -25.69 -12.10 -12.94
C SER A 337 -25.83 -12.92 -14.22
N TYR A 338 -25.23 -14.08 -14.26
CA TYR A 338 -25.31 -14.85 -15.48
C TYR A 338 -26.74 -15.28 -15.58
N LEU A 339 -27.38 -15.52 -14.45
CA LEU A 339 -28.76 -16.00 -14.38
C LEU A 339 -29.79 -14.87 -14.50
N GLY A 340 -29.36 -13.63 -14.72
CA GLY A 340 -30.27 -12.53 -14.98
C GLY A 340 -30.70 -11.74 -13.76
N ASN A 341 -30.20 -12.06 -12.57
CA ASN A 341 -30.66 -11.45 -11.33
C ASN A 341 -30.10 -10.05 -11.19
N ARG A 342 -30.91 -9.05 -11.52
CA ARG A 342 -30.47 -7.67 -11.50
C ARG A 342 -30.50 -7.03 -10.11
N GLU A 343 -31.30 -7.55 -9.18
CA GLU A 343 -31.33 -6.97 -7.84
C GLU A 343 -30.08 -7.33 -7.04
N GLU A 344 -29.60 -8.57 -7.17
CA GLU A 344 -28.53 -9.01 -6.28
C GLU A 344 -27.44 -9.76 -7.04
N GLY A 345 -27.25 -9.42 -8.32
CA GLY A 345 -26.09 -9.86 -9.04
C GLY A 345 -24.93 -8.90 -8.85
N LEU A 346 -23.72 -9.40 -9.08
CA LEU A 346 -22.53 -8.57 -9.05
C LEU A 346 -22.06 -8.30 -10.48
N TYR A 347 -21.77 -7.03 -10.80
CA TYR A 347 -21.48 -6.63 -12.18
C TYR A 347 -20.19 -5.84 -12.22
N PHE A 348 -19.31 -6.24 -13.14
CA PHE A 348 -18.01 -5.64 -13.32
C PHE A 348 -17.97 -4.85 -14.62
N THR A 349 -16.93 -4.03 -14.75
CA THR A 349 -16.67 -3.30 -15.97
C THR A 349 -15.26 -2.71 -15.89
N GLY A 350 -14.69 -2.44 -17.04
CA GLY A 350 -13.51 -1.60 -17.08
C GLY A 350 -13.91 -0.14 -16.91
N ALA A 351 -12.89 0.69 -16.69
CA ALA A 351 -13.12 2.12 -16.50
C ALA A 351 -13.82 2.77 -17.70
N ASN A 352 -13.71 2.18 -18.89
CA ASN A 352 -14.30 2.73 -20.11
C ASN A 352 -15.75 2.28 -20.35
N GLY A 353 -16.35 1.54 -19.42
CA GLY A 353 -17.68 0.98 -19.66
C GLY A 353 -18.78 2.01 -19.89
N TYR A 354 -18.62 3.23 -19.36
CA TYR A 354 -19.64 4.24 -19.54
C TYR A 354 -19.69 4.76 -20.98
N ARG A 355 -18.64 4.49 -21.77
CA ARG A 355 -18.60 4.89 -23.17
C ARG A 355 -19.31 3.92 -24.08
N VAL A 356 -19.68 2.75 -23.57
CA VAL A 356 -20.47 1.75 -24.30
C VAL A 356 -21.89 2.27 -24.47
N ASP A 357 -22.19 2.88 -25.62
CA ASP A 357 -23.50 3.45 -25.81
C ASP A 357 -24.43 2.52 -26.57
N LYS A 358 -23.95 1.92 -27.64
CA LYS A 358 -24.72 0.99 -28.43
C LYS A 358 -24.09 -0.39 -28.36
N ILE A 359 -24.92 -1.41 -28.24
CA ILE A 359 -24.46 -2.79 -28.34
C ILE A 359 -24.33 -3.16 -29.82
N ILE A 360 -23.12 -3.50 -30.24
CA ILE A 360 -22.85 -3.90 -31.62
C ILE A 360 -22.48 -5.37 -31.64
N SER A 361 -22.19 -5.92 -32.81
CA SER A 361 -21.79 -7.33 -32.93
C SER A 361 -20.26 -7.50 -32.88
N VAL A 362 -19.83 -8.74 -32.66
CA VAL A 362 -18.38 -9.01 -32.64
C VAL A 362 -17.75 -8.62 -33.98
N HIS A 363 -18.36 -9.06 -35.09
CA HIS A 363 -17.86 -8.70 -36.42
C HIS A 363 -17.71 -7.19 -36.59
N GLU A 364 -18.71 -6.42 -36.14
CA GLU A 364 -18.65 -4.97 -36.32
C GLU A 364 -17.55 -4.36 -35.47
N LEU A 365 -17.36 -4.89 -34.26
CA LEU A 365 -16.28 -4.42 -33.38
C LEU A 365 -14.92 -4.72 -34.00
N ILE A 366 -14.73 -5.98 -34.43
CA ILE A 366 -13.48 -6.38 -35.07
C ILE A 366 -13.18 -5.50 -36.27
N LYS A 367 -14.22 -5.14 -37.05
CA LYS A 367 -13.98 -4.26 -38.20
C LYS A 367 -13.48 -2.90 -37.74
N GLU A 368 -14.14 -2.30 -36.73
CA GLU A 368 -13.71 -0.99 -36.25
C GLU A 368 -12.24 -0.98 -35.86
N LEU A 369 -11.77 -2.05 -35.22
CA LEU A 369 -10.45 -2.04 -34.61
C LEU A 369 -9.34 -2.34 -35.63
N THR A 370 -9.65 -3.10 -36.69
CA THR A 370 -8.60 -3.55 -37.60
C THR A 370 -8.53 -2.82 -38.93
N GLU A 371 -9.58 -2.09 -39.32
CA GLU A 371 -9.62 -1.46 -40.64
C GLU A 371 -8.43 -0.52 -40.86
N GLY A 372 -7.80 -0.63 -42.02
CA GLY A 372 -6.61 0.15 -42.32
C GLY A 372 -5.31 -0.39 -41.78
N MET B 9 16.82 -24.82 16.94
CA MET B 9 17.13 -23.50 17.49
C MET B 9 18.14 -22.77 16.61
N ALA B 10 19.19 -23.47 16.19
CA ALA B 10 20.16 -22.86 15.28
C ALA B 10 19.54 -22.61 13.92
N LEU B 11 18.68 -23.53 13.47
CA LEU B 11 17.97 -23.37 12.21
C LEU B 11 16.99 -22.19 12.30
N PHE B 12 16.18 -22.16 13.37
CA PHE B 12 15.15 -21.14 13.50
C PHE B 12 15.73 -19.73 13.46
N GLU B 13 16.91 -19.53 14.07
CA GLU B 13 17.45 -18.17 14.05
C GLU B 13 18.05 -17.82 12.70
N ASP B 14 18.56 -18.81 11.96
CA ASP B 14 19.09 -18.54 10.62
C ASP B 14 17.98 -18.10 9.68
N ILE B 15 16.88 -18.87 9.65
CA ILE B 15 15.72 -18.52 8.86
C ILE B 15 14.96 -17.33 9.43
N GLN B 16 15.09 -17.05 10.73
CA GLN B 16 14.59 -15.80 11.29
C GLN B 16 15.32 -14.59 10.69
N ALA B 17 16.66 -14.66 10.64
CA ALA B 17 17.42 -13.54 10.11
C ALA B 17 17.11 -13.29 8.63
N VAL B 18 16.79 -14.36 7.89
CA VAL B 18 16.48 -14.23 6.46
C VAL B 18 15.11 -13.58 6.26
N ILE B 19 14.11 -14.02 7.04
CA ILE B 19 12.78 -13.42 6.98
C ILE B 19 12.85 -11.95 7.38
N ALA B 20 13.54 -11.65 8.47
CA ALA B 20 13.66 -10.26 8.91
C ALA B 20 14.30 -9.40 7.82
N GLU B 21 15.31 -9.94 7.13
CA GLU B 21 15.99 -9.16 6.10
C GLU B 21 15.15 -9.03 4.84
N GLN B 22 14.51 -10.13 4.41
CA GLN B 22 13.66 -10.06 3.22
C GLN B 22 12.53 -9.04 3.39
N LEU B 23 11.69 -9.21 4.43
CA LEU B 23 10.49 -8.39 4.61
C LEU B 23 10.75 -7.06 5.31
N ASN B 24 11.99 -6.77 5.69
CA ASN B 24 12.37 -5.53 6.36
C ASN B 24 11.56 -5.32 7.66
N VAL B 25 11.53 -6.36 8.50
CA VAL B 25 10.87 -6.36 9.80
C VAL B 25 11.88 -6.77 10.85
N ASP B 26 11.61 -6.39 12.11
CA ASP B 26 12.50 -6.76 13.20
C ASP B 26 12.46 -8.27 13.43
N ALA B 27 13.64 -8.89 13.55
CA ALA B 27 13.71 -10.31 13.91
C ALA B 27 12.91 -10.62 15.17
N ALA B 28 12.87 -9.69 16.14
CA ALA B 28 12.21 -9.98 17.40
C ALA B 28 10.71 -10.26 17.22
N GLN B 29 10.12 -9.81 16.13
CA GLN B 29 8.70 -10.06 15.91
C GLN B 29 8.46 -11.16 14.88
N VAL B 30 9.53 -11.78 14.39
CA VAL B 30 9.41 -12.96 13.52
C VAL B 30 9.26 -14.17 14.45
N THR B 31 8.04 -14.37 14.95
CA THR B 31 7.74 -15.45 15.88
C THR B 31 6.97 -16.59 15.19
N PRO B 32 7.21 -17.88 15.59
CA PRO B 32 6.49 -19.00 14.99
C PRO B 32 5.01 -18.78 14.67
N GLU B 33 4.28 -17.97 15.44
CA GLU B 33 2.88 -17.76 15.12
C GLU B 33 2.68 -16.66 14.08
N ALA B 34 3.72 -15.87 13.79
CA ALA B 34 3.60 -14.71 12.93
C ALA B 34 3.33 -15.11 11.47
N GLU B 35 2.23 -14.58 10.92
CA GLU B 35 1.88 -14.80 9.52
C GLU B 35 2.57 -13.77 8.64
N PHE B 36 3.17 -14.27 7.55
CA PHE B 36 3.96 -13.41 6.68
C PHE B 36 3.16 -12.22 6.20
N VAL B 37 1.90 -12.43 5.83
CA VAL B 37 1.11 -11.36 5.21
C VAL B 37 0.39 -10.58 6.29
N LYS B 38 -0.43 -11.26 7.11
CA LYS B 38 -1.22 -10.55 8.10
C LYS B 38 -0.33 -9.81 9.07
N ASP B 39 0.63 -10.53 9.68
CA ASP B 39 1.45 -9.97 10.75
C ASP B 39 2.70 -9.26 10.28
N LEU B 40 3.32 -9.71 9.19
CA LEU B 40 4.62 -9.19 8.76
C LEU B 40 4.53 -8.30 7.52
N GLY B 41 3.34 -8.08 6.97
CA GLY B 41 3.12 -7.03 5.98
C GLY B 41 3.67 -7.30 4.59
N ALA B 42 3.80 -8.56 4.19
CA ALA B 42 4.34 -8.93 2.89
C ALA B 42 3.24 -9.26 1.89
N ASP B 43 3.49 -8.98 0.61
CA ASP B 43 2.53 -9.41 -0.42
C ASP B 43 3.00 -10.69 -1.11
N SER B 44 2.29 -11.10 -2.16
CA SER B 44 2.64 -12.35 -2.92
C SER B 44 4.04 -12.41 -3.46
N LEU B 45 4.46 -11.28 -4.01
CA LEU B 45 5.78 -11.14 -4.63
C LEU B 45 6.85 -11.29 -3.57
N ASP B 46 6.57 -10.71 -2.40
CA ASP B 46 7.49 -10.82 -1.27
C ASP B 46 7.64 -12.27 -0.83
N VAL B 47 6.53 -13.00 -0.79
CA VAL B 47 6.58 -14.38 -0.31
C VAL B 47 7.35 -15.28 -1.27
N VAL B 48 7.12 -15.13 -2.58
CA VAL B 48 7.82 -15.96 -3.56
C VAL B 48 9.33 -15.74 -3.47
N GLU B 49 9.76 -14.48 -3.63
CA GLU B 49 11.09 -14.03 -3.21
C GLU B 49 11.60 -14.65 -1.91
N LEU B 50 10.83 -14.58 -0.83
CA LEU B 50 11.31 -15.19 0.41
C LEU B 50 11.52 -16.70 0.24
N ILE B 51 10.58 -17.39 -0.41
CA ILE B 51 10.72 -18.82 -0.63
C ILE B 51 11.97 -19.12 -1.47
N MET B 52 12.21 -18.31 -2.52
CA MET B 52 13.44 -18.45 -3.30
C MET B 52 14.68 -18.18 -2.47
N ALA B 53 14.60 -17.22 -1.55
CA ALA B 53 15.77 -16.89 -0.73
C ALA B 53 16.10 -18.04 0.22
N LEU B 54 15.06 -18.67 0.77
CA LEU B 54 15.25 -19.82 1.64
C LEU B 54 15.82 -21.01 0.87
N GLU B 55 15.32 -21.25 -0.34
CA GLU B 55 15.76 -22.42 -1.11
C GLU B 55 17.27 -22.41 -1.31
N GLU B 56 17.83 -21.26 -1.67
CA GLU B 56 19.29 -21.16 -1.86
C GLU B 56 20.02 -21.50 -0.56
N LYS B 57 19.79 -20.72 0.49
CA LYS B 57 20.50 -20.90 1.75
C LYS B 57 20.35 -22.28 2.36
N PHE B 58 19.49 -23.14 1.81
CA PHE B 58 19.28 -24.46 2.39
C PHE B 58 19.17 -25.59 1.37
N GLY B 59 19.24 -25.31 0.07
CA GLY B 59 19.25 -26.35 -0.93
C GLY B 59 18.08 -27.34 -0.90
N ILE B 60 16.85 -26.81 -0.79
CA ILE B 60 15.64 -27.60 -0.90
C ILE B 60 14.71 -26.87 -1.87
N GLU B 61 13.59 -27.52 -2.22
CA GLU B 61 12.69 -26.96 -3.24
C GLU B 61 11.40 -26.35 -2.73
N ILE B 62 10.77 -26.90 -1.69
CA ILE B 62 9.47 -26.41 -1.21
C ILE B 62 8.51 -26.28 -2.39
N PRO B 63 7.94 -27.37 -2.90
CA PRO B 63 7.01 -27.24 -4.03
C PRO B 63 5.80 -26.41 -3.62
N ASP B 64 5.20 -25.76 -4.61
CA ASP B 64 4.11 -24.82 -4.34
C ASP B 64 3.01 -25.49 -3.53
N GLU B 65 2.78 -26.79 -3.75
CA GLU B 65 1.72 -27.46 -3.01
C GLU B 65 2.00 -27.46 -1.48
N GLN B 66 3.26 -27.46 -1.03
CA GLN B 66 3.48 -27.16 0.38
C GLN B 66 3.51 -25.66 0.70
N ALA B 67 4.06 -24.84 -0.20
CA ALA B 67 4.13 -23.42 0.11
C ALA B 67 2.74 -22.87 0.33
N GLU B 68 1.74 -23.43 -0.34
CA GLU B 68 0.35 -23.05 -0.13
C GLU B 68 -0.13 -23.39 1.29
N LYS B 69 0.59 -24.25 2.01
CA LYS B 69 0.17 -24.71 3.33
C LYS B 69 0.97 -24.15 4.48
N ILE B 70 1.93 -23.25 4.26
CA ILE B 70 2.86 -22.92 5.34
C ILE B 70 2.39 -21.68 6.11
N VAL B 71 2.01 -20.60 5.44
CA VAL B 71 1.28 -19.48 6.05
C VAL B 71 2.06 -18.71 7.13
N ASN B 72 2.59 -19.39 8.17
CA ASN B 72 3.34 -18.67 9.20
C ASN B 72 4.80 -19.15 9.20
N VAL B 73 5.61 -18.57 10.09
CA VAL B 73 7.03 -18.86 9.99
C VAL B 73 7.29 -20.25 10.58
N GLY B 74 6.53 -20.64 11.60
CA GLY B 74 6.77 -21.92 12.26
C GLY B 74 6.57 -23.10 11.33
N ASP B 75 5.60 -23.01 10.42
CA ASP B 75 5.40 -24.06 9.42
C ASP B 75 6.58 -24.11 8.45
N VAL B 76 7.07 -22.96 8.02
CA VAL B 76 8.28 -22.91 7.21
C VAL B 76 9.42 -23.61 7.93
N VAL B 77 9.58 -23.33 9.23
CA VAL B 77 10.68 -23.93 9.99
C VAL B 77 10.61 -25.44 9.96
N LYS B 78 9.42 -26.02 10.20
CA LYS B 78 9.30 -27.47 10.22
C LYS B 78 9.62 -28.07 8.85
N TYR B 79 9.09 -27.48 7.78
CA TYR B 79 9.35 -28.03 6.46
C TYR B 79 10.84 -28.20 6.21
N ILE B 80 11.68 -27.38 6.84
CA ILE B 80 13.12 -27.45 6.67
C ILE B 80 13.76 -28.37 7.72
N HIS C 7 22.55 17.46 -15.70
CA HIS C 7 21.39 18.21 -16.20
C HIS C 7 20.99 19.34 -15.24
N HIS C 8 20.34 20.38 -15.80
CA HIS C 8 20.03 21.60 -15.06
C HIS C 8 18.99 21.35 -13.97
N HIS C 9 18.96 22.26 -12.99
CA HIS C 9 17.97 22.18 -11.92
C HIS C 9 16.59 22.39 -12.50
N MET C 10 15.74 21.39 -12.37
CA MET C 10 14.40 21.40 -12.92
C MET C 10 13.35 21.85 -11.91
N VAL C 11 12.30 22.45 -12.45
CA VAL C 11 11.17 22.94 -11.68
C VAL C 11 10.23 21.78 -11.41
N SER C 12 9.27 22.01 -10.52
CA SER C 12 8.45 20.95 -9.95
C SER C 12 7.01 21.07 -10.42
N THR C 13 6.36 19.92 -10.59
CA THR C 13 4.90 19.90 -10.64
C THR C 13 4.25 19.81 -9.24
N LEU C 14 5.02 19.72 -8.15
CA LEU C 14 4.40 19.83 -6.83
C LEU C 14 3.88 21.25 -6.61
N LYS C 15 2.74 21.34 -5.92
CA LYS C 15 2.01 22.59 -5.72
C LYS C 15 2.35 23.19 -4.36
N PRO C 16 2.40 24.52 -4.24
CA PRO C 16 2.61 25.12 -2.92
C PRO C 16 1.52 24.70 -1.94
N LEU C 17 1.90 24.63 -0.68
CA LEU C 17 1.04 24.12 0.39
C LEU C 17 0.76 25.25 1.37
N LYS C 18 -0.51 25.45 1.71
CA LYS C 18 -0.88 26.50 2.64
C LYS C 18 -1.44 25.90 3.93
N ILE C 19 -0.93 26.34 5.06
CA ILE C 19 -1.27 25.81 6.37
C ILE C 19 -1.55 27.02 7.24
N GLY C 20 -2.84 27.22 7.58
CA GLY C 20 -3.27 28.43 8.27
C GLY C 20 -2.88 29.65 7.44
N LYS C 21 -2.21 30.61 8.07
CA LYS C 21 -1.80 31.85 7.43
C LYS C 21 -0.57 31.68 6.53
N HIS C 22 0.09 30.51 6.58
CA HIS C 22 1.45 30.32 6.11
C HIS C 22 1.51 29.42 4.88
N THR C 23 2.42 29.73 3.96
CA THR C 23 2.55 28.98 2.72
C THR C 23 4.00 28.55 2.54
N ILE C 24 4.20 27.29 2.17
CA ILE C 24 5.53 26.76 1.83
C ILE C 24 5.55 26.40 0.34
N LYS C 25 6.70 26.63 -0.32
CA LYS C 25 6.80 26.48 -1.78
C LYS C 25 6.60 25.04 -2.24
N PHE C 26 7.08 24.07 -1.47
CA PHE C 26 6.96 22.64 -1.69
C PHE C 26 6.16 22.00 -0.56
N PRO C 27 5.25 21.07 -0.86
CA PRO C 27 4.38 20.49 0.20
C PRO C 27 5.10 19.45 1.06
N ILE C 28 6.22 19.86 1.66
CA ILE C 28 7.13 18.95 2.35
C ILE C 28 7.47 19.51 3.72
N PHE C 29 7.26 18.71 4.77
CA PHE C 29 7.75 19.01 6.12
C PHE C 29 9.02 18.23 6.38
N GLN C 30 10.04 18.92 6.89
CA GLN C 30 11.11 18.20 7.57
C GLN C 30 10.62 17.97 9.01
N GLY C 31 10.35 16.71 9.35
CA GLY C 31 9.76 16.41 10.66
C GLY C 31 10.72 16.70 11.79
N GLY C 32 10.15 17.09 12.94
CA GLY C 32 10.97 17.40 14.09
C GLY C 32 11.68 16.17 14.62
N MET C 33 12.93 16.35 15.05
CA MET C 33 13.72 15.21 15.53
C MET C 33 14.41 15.54 16.85
N GLY C 34 14.27 14.61 17.79
CA GLY C 34 14.47 14.79 19.21
C GLY C 34 15.84 14.92 19.83
N VAL C 35 16.04 16.12 20.40
CA VAL C 35 17.15 16.59 21.20
C VAL C 35 18.34 16.83 20.29
N GLY C 36 18.36 18.02 19.72
CA GLY C 36 19.50 18.56 19.03
C GLY C 36 19.69 18.06 17.63
N ILE C 37 18.76 17.28 17.10
CA ILE C 37 18.91 16.79 15.73
C ILE C 37 18.39 17.83 14.73
N SER C 38 17.21 18.37 14.94
CA SER C 38 16.66 19.39 14.04
C SER C 38 16.56 20.71 14.79
N TRP C 39 17.68 21.41 14.90
CA TRP C 39 17.67 22.74 15.49
C TRP C 39 17.94 23.79 14.41
N ASP C 40 18.58 24.91 14.77
CA ASP C 40 18.75 26.01 13.83
C ASP C 40 19.37 25.63 12.47
N GLU C 41 20.40 24.78 12.41
CA GLU C 41 21.05 24.61 11.12
C GLU C 41 20.21 23.78 10.16
N LEU C 42 19.62 22.68 10.65
CA LEU C 42 18.81 21.85 9.76
C LEU C 42 17.52 22.57 9.38
N ALA C 43 16.80 23.07 10.38
CA ALA C 43 15.49 23.67 10.14
C ALA C 43 15.62 24.97 9.37
N GLY C 44 16.60 25.80 9.72
CA GLY C 44 16.83 27.02 8.97
C GLY C 44 17.09 26.76 7.49
N ASN C 45 17.91 25.76 7.19
CA ASN C 45 18.25 25.50 5.79
C ASN C 45 17.10 24.84 5.06
N VAL C 46 16.24 24.11 5.77
CA VAL C 46 15.09 23.52 5.10
C VAL C 46 14.11 24.61 4.68
N ALA C 47 13.87 25.57 5.56
CA ALA C 47 12.98 26.69 5.23
C ALA C 47 13.57 27.56 4.11
N LYS C 48 14.89 27.73 4.10
CA LYS C 48 15.55 28.46 3.01
C LYS C 48 15.28 27.81 1.66
N GLU C 49 15.30 26.48 1.61
CA GLU C 49 15.12 25.70 0.40
C GLU C 49 13.66 25.47 0.03
N GLY C 50 12.71 26.08 0.74
CA GLY C 50 11.33 26.10 0.32
C GLY C 50 10.42 25.06 0.93
N ALA C 51 10.95 24.20 1.81
CA ALA C 51 10.10 23.30 2.57
C ALA C 51 9.94 23.81 4.00
N LEU C 52 9.08 23.15 4.77
CA LEU C 52 8.86 23.56 6.15
C LEU C 52 10.01 23.03 7.02
N GLY C 53 10.81 23.95 7.58
CA GLY C 53 11.75 23.56 8.63
C GLY C 53 11.06 23.53 10.00
N VAL C 54 11.41 22.53 10.81
CA VAL C 54 10.74 22.29 12.09
C VAL C 54 11.79 22.14 13.19
N ILE C 55 11.78 23.07 14.13
CA ILE C 55 12.72 23.05 15.25
C ILE C 55 12.12 22.20 16.37
N SER C 56 12.85 21.18 16.78
CA SER C 56 12.39 20.41 17.91
C SER C 56 12.64 21.20 19.20
N ALA C 57 11.65 21.24 20.09
CA ALA C 57 11.74 22.08 21.27
C ALA C 57 12.02 21.29 22.53
N VAL C 58 12.50 20.05 22.41
CA VAL C 58 12.69 19.15 23.54
C VAL C 58 14.19 19.02 23.82
N GLY C 59 14.56 19.14 25.08
CA GLY C 59 15.97 19.03 25.40
C GLY C 59 16.80 20.22 25.01
N THR C 60 16.17 21.40 24.82
CA THR C 60 16.92 22.56 24.37
C THR C 60 17.90 23.10 25.42
N GLY C 61 17.74 22.75 26.70
CA GLY C 61 18.77 23.11 27.65
C GLY C 61 20.15 22.56 27.31
N TYR C 62 20.22 21.54 26.45
CA TYR C 62 21.49 21.00 25.98
C TYR C 62 22.23 21.92 24.99
N TYR C 63 21.52 22.87 24.37
CA TYR C 63 22.10 23.69 23.29
C TYR C 63 23.43 24.32 23.70
N LYS C 64 24.44 24.21 22.80
CA LYS C 64 25.75 24.83 23.04
C LYS C 64 26.35 24.34 24.37
N ASN C 65 26.30 23.01 24.58
CA ASN C 65 26.82 22.36 25.79
C ASN C 65 26.25 22.99 27.07
N MET C 66 24.90 23.08 27.11
CA MET C 66 24.16 23.58 28.29
C MET C 66 24.52 25.02 28.63
N ARG C 67 24.89 25.79 27.61
CA ARG C 67 25.24 27.20 27.77
C ARG C 67 24.13 28.04 28.40
N PHE C 68 22.85 27.67 28.27
CA PHE C 68 21.77 28.54 28.71
C PHE C 68 21.00 28.03 29.93
N VAL C 69 21.39 26.93 30.53
CA VAL C 69 20.76 26.50 31.78
C VAL C 69 21.31 27.30 32.94
N GLU C 70 20.50 27.32 33.98
CA GLU C 70 20.79 27.97 35.27
C GLU C 70 21.10 26.91 36.34
N ARG C 71 20.77 25.65 36.15
CA ARG C 71 21.10 24.67 37.18
C ARG C 71 21.29 23.32 36.55
N ILE C 72 22.44 22.72 36.83
CA ILE C 72 22.85 21.43 36.29
C ILE C 72 23.06 20.47 37.45
N VAL C 73 22.48 19.27 37.34
CA VAL C 73 22.72 18.20 38.30
C VAL C 73 23.27 16.98 37.57
N ALA C 74 24.38 16.42 38.09
CA ALA C 74 25.04 15.26 37.49
C ALA C 74 25.25 15.45 35.98
N LYS C 75 25.63 16.67 35.60
CA LYS C 75 25.98 17.04 34.24
C LYS C 75 24.78 17.01 33.29
N LYS C 76 23.59 17.36 33.80
CA LYS C 76 22.33 17.34 33.07
C LYS C 76 21.47 18.54 33.47
N PRO C 77 20.63 19.05 32.56
CA PRO C 77 19.74 20.17 32.92
C PRO C 77 18.72 19.73 33.96
N PHE C 78 18.69 20.41 35.11
CA PHE C 78 17.85 19.96 36.22
C PHE C 78 16.40 20.41 35.98
N GLU C 79 15.52 19.44 35.72
CA GLU C 79 14.08 19.62 35.80
C GLU C 79 13.54 20.32 34.54
N ALA C 80 12.21 20.32 34.34
CA ALA C 80 11.64 20.77 33.06
C ALA C 80 12.01 22.21 32.73
N LEU C 81 12.14 23.07 33.73
CA LEU C 81 12.53 24.46 33.50
C LEU C 81 13.84 24.57 32.73
N ASN C 82 14.79 23.65 32.99
CA ASN C 82 16.12 23.74 32.37
C ASN C 82 16.28 22.83 31.15
N PHE C 83 15.69 21.64 31.18
CA PHE C 83 15.69 20.74 30.01
C PHE C 83 15.03 21.38 28.78
N TYR C 84 13.86 22.02 28.95
CA TYR C 84 13.18 22.78 27.90
C TYR C 84 13.47 24.26 28.15
N SER C 85 14.64 24.70 27.74
CA SER C 85 15.06 26.05 28.11
C SER C 85 14.45 27.08 27.16
N LYS C 86 13.73 28.05 27.72
CA LYS C 86 13.19 29.14 26.92
C LYS C 86 14.30 29.97 26.30
N LYS C 87 15.36 30.27 27.06
CA LYS C 87 16.46 31.07 26.54
C LYS C 87 17.14 30.38 25.36
N ALA C 88 17.44 29.08 25.51
CA ALA C 88 18.02 28.31 24.40
C ALA C 88 17.11 28.31 23.18
N LEU C 89 15.80 28.11 23.37
CA LEU C 89 14.87 28.02 22.25
C LEU C 89 14.81 29.32 21.48
N ASN C 90 14.91 30.45 22.18
CA ASN C 90 15.00 31.74 21.52
C ASN C 90 16.26 31.83 20.65
N GLU C 91 17.38 31.28 21.14
CA GLU C 91 18.63 31.32 20.39
C GLU C 91 18.57 30.44 19.15
N ILE C 92 17.97 29.25 19.27
CA ILE C 92 17.84 28.36 18.13
C ILE C 92 16.95 28.99 17.06
N PHE C 93 15.89 29.69 17.47
CA PHE C 93 15.01 30.30 16.48
C PHE C 93 15.67 31.52 15.84
N ALA C 94 16.26 32.39 16.65
CA ALA C 94 17.08 33.47 16.10
C ALA C 94 18.15 32.92 15.15
N ASN C 95 18.89 31.90 15.60
CA ASN C 95 19.95 31.36 14.76
C ASN C 95 19.39 30.75 13.48
N ALA C 96 18.17 30.22 13.53
CA ALA C 96 17.61 29.60 12.34
C ALA C 96 17.17 30.66 11.33
N ARG C 97 16.80 31.85 11.82
CA ARG C 97 16.26 32.92 10.99
C ARG C 97 17.35 33.74 10.31
N LYS C 98 18.59 33.71 10.81
CA LYS C 98 19.71 34.20 10.03
C LYS C 98 19.76 33.55 8.66
N ILE C 99 19.37 32.28 8.59
CA ILE C 99 19.48 31.46 7.37
C ILE C 99 18.24 31.59 6.49
N CYS C 100 17.04 31.47 7.09
CA CYS C 100 15.80 31.40 6.32
C CYS C 100 14.96 32.67 6.39
N GLY C 101 15.46 33.72 7.04
CA GLY C 101 14.66 34.93 7.20
C GLY C 101 13.32 34.61 7.82
N ASN C 102 12.26 35.15 7.21
CA ASN C 102 10.89 35.03 7.68
C ASN C 102 10.15 33.84 7.08
N ASN C 103 10.83 32.96 6.35
CA ASN C 103 10.17 31.78 5.83
C ASN C 103 9.61 30.95 7.00
N PRO C 104 8.50 30.24 6.79
CA PRO C 104 7.80 29.58 7.92
C PRO C 104 8.69 28.58 8.65
N LEU C 105 8.59 28.58 9.98
CA LEU C 105 9.27 27.61 10.81
C LEU C 105 8.29 26.94 11.77
N GLY C 106 8.43 25.62 11.89
CA GLY C 106 7.65 24.88 12.85
C GLY C 106 8.33 24.78 14.21
N ALA C 107 7.55 24.42 15.23
CA ALA C 107 8.08 23.94 16.50
C ALA C 107 7.38 22.65 16.85
N ASN C 108 8.15 21.59 17.07
CA ASN C 108 7.63 20.29 17.48
C ASN C 108 7.67 20.14 19.01
N ILE C 109 6.55 19.76 19.60
CA ILE C 109 6.43 19.66 21.06
C ILE C 109 5.62 18.41 21.37
N LEU C 110 6.26 17.39 21.95
CA LEU C 110 5.55 16.20 22.43
C LEU C 110 4.49 16.58 23.47
N TYR C 111 3.31 15.98 23.36
CA TYR C 111 2.27 16.23 24.35
C TYR C 111 2.64 15.62 25.71
N ALA C 112 3.51 14.61 25.72
CA ALA C 112 3.88 13.90 26.93
C ALA C 112 4.81 14.72 27.83
N ILE C 113 5.39 15.80 27.34
CA ILE C 113 6.41 16.45 28.16
C ILE C 113 5.76 17.13 29.37
N ASN C 114 6.55 17.31 30.42
CA ASN C 114 6.11 18.20 31.48
C ASN C 114 6.33 19.64 31.02
N ASP C 115 5.47 20.54 31.49
CA ASP C 115 5.46 21.94 31.10
C ASP C 115 5.04 22.13 29.65
N TYR C 116 4.13 21.29 29.14
CA TYR C 116 3.74 21.39 27.75
C TYR C 116 3.26 22.79 27.41
N GLY C 117 2.46 23.39 28.28
CA GLY C 117 1.91 24.71 27.99
C GLY C 117 2.95 25.81 27.99
N ARG C 118 3.91 25.74 28.91
CA ARG C 118 4.96 26.75 28.92
C ARG C 118 5.80 26.70 27.63
N VAL C 119 6.15 25.48 27.18
CA VAL C 119 6.99 25.33 25.99
C VAL C 119 6.24 25.75 24.74
N LEU C 120 4.93 25.45 24.69
CA LEU C 120 4.11 25.96 23.58
C LEU C 120 4.16 27.48 23.54
N ARG C 121 3.96 28.12 24.68
CA ARG C 121 4.01 29.59 24.73
C ARG C 121 5.43 30.10 24.50
N ASP C 122 6.44 29.37 24.99
CA ASP C 122 7.82 29.73 24.68
C ASP C 122 8.06 29.69 23.17
N SER C 123 7.53 28.65 22.50
CA SER C 123 7.71 28.49 21.06
C SER C 123 7.06 29.62 20.28
N CYS C 124 5.86 30.06 20.71
CA CYS C 124 5.18 31.14 20.00
C CYS C 124 5.95 32.45 20.14
N GLU C 125 6.26 32.85 21.37
CA GLU C 125 7.05 34.03 21.61
C GLU C 125 8.45 33.94 21.01
N ALA C 126 8.97 32.72 20.76
CA ALA C 126 10.27 32.55 20.14
C ALA C 126 10.23 32.78 18.64
N GLY C 127 9.04 32.81 18.05
CA GLY C 127 8.88 33.11 16.65
C GLY C 127 8.35 31.98 15.79
N ALA C 128 7.83 30.92 16.39
CA ALA C 128 7.30 29.82 15.61
C ALA C 128 6.02 30.22 14.90
N ASN C 129 5.88 29.76 13.66
CA ASN C 129 4.67 29.99 12.89
C ASN C 129 3.69 28.83 12.96
N ILE C 130 4.16 27.65 13.34
CA ILE C 130 3.36 26.42 13.37
C ILE C 130 3.82 25.62 14.59
N ILE C 131 2.86 25.01 15.30
CA ILE C 131 3.14 24.06 16.38
C ILE C 131 2.67 22.68 15.94
N ILE C 132 3.55 21.70 16.08
CA ILE C 132 3.26 20.31 15.73
C ILE C 132 3.34 19.52 17.02
N THR C 133 2.31 18.72 17.32
CA THR C 133 2.32 17.97 18.56
C THR C 133 1.81 16.55 18.38
N GLY C 134 2.63 15.57 18.81
CA GLY C 134 2.24 14.18 18.96
C GLY C 134 2.59 13.64 20.34
N ALA C 135 2.78 12.33 20.41
CA ALA C 135 3.04 11.58 21.64
C ALA C 135 1.97 11.87 22.68
N GLY C 136 0.72 11.54 22.29
CA GLY C 136 -0.46 11.89 23.07
C GLY C 136 -1.44 12.75 22.29
N LEU C 137 -2.75 12.62 22.58
CA LEU C 137 -3.85 13.40 22.02
C LEU C 137 -3.88 14.80 22.60
N PRO C 138 -3.53 15.83 21.83
CA PRO C 138 -3.42 17.19 22.41
C PRO C 138 -4.78 17.89 22.45
N THR C 139 -5.64 17.38 23.33
CA THR C 139 -7.02 17.84 23.44
C THR C 139 -7.12 19.29 23.88
N ASN C 140 -6.11 19.85 24.54
CA ASN C 140 -6.13 21.18 25.13
CA ASN C 140 -6.22 21.21 25.06
C ASN C 140 -5.26 22.17 24.36
N MET C 141 -4.71 21.77 23.21
CA MET C 141 -3.70 22.56 22.51
C MET C 141 -4.08 24.02 22.21
N PRO C 142 -5.28 24.35 21.74
CA PRO C 142 -5.55 25.77 21.50
C PRO C 142 -5.57 26.60 22.78
N GLU C 143 -5.87 25.98 23.92
CA GLU C 143 -5.92 26.71 25.19
C GLU C 143 -4.61 27.45 25.46
N PHE C 144 -3.47 26.81 25.21
CA PHE C 144 -2.18 27.45 25.43
C PHE C 144 -1.80 28.43 24.32
N ALA C 145 -2.48 28.40 23.17
CA ALA C 145 -2.09 29.20 22.02
C ALA C 145 -2.94 30.45 21.83
N LYS C 146 -3.87 30.75 22.74
CA LYS C 146 -4.91 31.74 22.47
C LYS C 146 -4.39 33.16 22.38
N ASP C 147 -3.18 33.44 22.88
CA ASP C 147 -2.58 34.76 22.67
C ASP C 147 -2.11 34.93 21.23
N PHE C 148 -1.98 33.83 20.48
CA PHE C 148 -1.27 33.83 19.20
C PHE C 148 -2.19 33.28 18.10
N SER C 149 -3.06 34.14 17.57
CA SER C 149 -3.98 33.69 16.53
C SER C 149 -3.28 33.40 15.20
N ASP C 150 -2.06 33.90 15.00
CA ASP C 150 -1.34 33.68 13.75
C ASP C 150 -0.68 32.31 13.65
N VAL C 151 -0.54 31.56 14.76
CA VAL C 151 0.19 30.29 14.78
C VAL C 151 -0.73 29.14 14.40
N ALA C 152 -0.29 28.30 13.46
CA ALA C 152 -1.06 27.13 13.04
C ALA C 152 -0.76 25.95 13.95
N LEU C 153 -1.79 25.17 14.25
CA LEU C 153 -1.72 24.06 15.20
C LEU C 153 -1.96 22.76 14.45
N ILE C 154 -1.03 21.81 14.59
CA ILE C 154 -1.06 20.57 13.82
C ILE C 154 -0.82 19.36 14.72
N PRO C 155 -1.85 18.62 15.09
CA PRO C 155 -1.63 17.36 15.81
C PRO C 155 -1.07 16.28 14.89
N ILE C 156 -0.29 15.36 15.46
CA ILE C 156 0.11 14.14 14.79
C ILE C 156 -0.85 13.04 15.25
N ILE C 157 -1.34 12.24 14.31
CA ILE C 157 -2.31 11.18 14.58
C ILE C 157 -1.91 9.97 13.77
N SER C 158 -2.62 8.86 14.00
CA SER C 158 -2.30 7.59 13.34
C SER C 158 -3.57 6.81 13.03
N SER C 159 -4.73 7.44 13.10
CA SER C 159 -5.98 6.75 12.87
C SER C 159 -7.01 7.81 12.55
N ALA C 160 -8.00 7.44 11.74
CA ALA C 160 -9.14 8.33 11.47
C ALA C 160 -9.88 8.68 12.76
N LYS C 161 -10.00 7.71 13.67
CA LYS C 161 -10.70 7.90 14.94
C LYS C 161 -10.08 9.03 15.76
N ALA C 162 -8.76 9.11 15.81
CA ALA C 162 -8.12 10.18 16.57
C ALA C 162 -8.40 11.54 15.95
N LEU C 163 -8.47 11.60 14.60
CA LEU C 163 -8.93 12.82 13.93
C LEU C 163 -10.32 13.23 14.39
N LYS C 164 -11.27 12.29 14.38
CA LYS C 164 -12.63 12.60 14.82
C LYS C 164 -12.65 13.10 16.26
N ILE C 165 -11.96 12.38 17.15
CA ILE C 165 -11.94 12.72 18.57
C ILE C 165 -11.40 14.13 18.80
N LEU C 166 -10.32 14.49 18.09
CA LEU C 166 -9.71 15.80 18.32
C LEU C 166 -10.54 16.93 17.70
N CYS C 167 -11.21 16.68 16.58
CA CYS C 167 -12.10 17.72 16.02
C CYS C 167 -13.28 17.95 16.95
N LYS C 168 -13.89 16.88 17.47
CA LYS C 168 -14.97 17.03 18.45
C LYS C 168 -14.49 17.80 19.67
N ARG C 169 -13.33 17.43 20.22
CA ARG C 169 -13.00 18.02 21.49
C ARG C 169 -12.58 19.48 21.27
N TRP C 170 -11.92 19.79 20.15
CA TRP C 170 -11.52 21.16 19.85
C TRP C 170 -12.73 22.04 19.51
N SER C 171 -13.71 21.54 18.77
CA SER C 171 -14.80 22.41 18.38
C SER C 171 -15.72 22.69 19.56
N ASP C 172 -16.06 21.64 20.32
CA ASP C 172 -16.82 21.81 21.56
C ASP C 172 -16.18 22.84 22.48
N ARG C 173 -14.86 22.74 22.66
CA ARG C 173 -14.19 23.56 23.65
C ARG C 173 -13.79 24.93 23.13
N TYR C 174 -13.28 25.00 21.92
CA TYR C 174 -12.64 26.22 21.45
C TYR C 174 -13.30 26.81 20.23
N LYS C 175 -14.37 26.18 19.72
CA LYS C 175 -14.95 26.55 18.42
C LYS C 175 -13.85 26.73 17.37
N ARG C 176 -12.91 25.81 17.43
CA ARG C 176 -11.69 25.83 16.66
C ARG C 176 -11.41 24.41 16.19
N ILE C 177 -10.64 24.32 15.12
CA ILE C 177 -10.33 23.04 14.51
C ILE C 177 -8.91 23.05 14.01
N PRO C 178 -8.24 21.89 14.07
CA PRO C 178 -6.81 21.83 13.68
C PRO C 178 -6.57 22.36 12.27
N ASP C 179 -5.51 23.14 12.12
CA ASP C 179 -5.19 23.68 10.82
C ASP C 179 -4.75 22.61 9.84
N ALA C 180 -4.13 21.54 10.33
CA ALA C 180 -3.82 20.37 9.52
C ALA C 180 -3.65 19.18 10.47
N PHE C 181 -3.54 17.99 9.90
CA PHE C 181 -3.18 16.78 10.63
C PHE C 181 -2.02 16.08 9.92
N ILE C 182 -1.08 15.56 10.69
CA ILE C 182 -0.06 14.65 10.20
C ILE C 182 -0.49 13.23 10.55
N VAL C 183 -0.52 12.36 9.56
CA VAL C 183 -0.75 10.94 9.78
C VAL C 183 0.62 10.27 9.73
N GLU C 184 1.03 9.67 10.84
CA GLU C 184 2.32 8.97 10.93
C GLU C 184 2.10 7.46 10.95
N GLY C 185 2.70 6.76 9.99
CA GLY C 185 2.65 5.32 9.90
C GLY C 185 3.77 4.63 10.69
N PRO C 186 3.71 3.30 10.75
CA PRO C 186 4.61 2.54 11.64
C PRO C 186 6.03 2.35 11.12
N LEU C 187 6.42 2.97 10.00
CA LEU C 187 7.80 2.91 9.54
C LEU C 187 8.65 4.10 9.98
N SER C 188 8.09 5.00 10.79
CA SER C 188 8.79 6.24 11.13
C SER C 188 9.89 6.01 12.17
N GLY C 189 10.67 7.07 12.40
CA GLY C 189 11.56 7.10 13.54
C GLY C 189 10.86 7.55 14.83
N GLY C 190 11.57 7.33 15.95
CA GLY C 190 11.01 7.74 17.23
C GLY C 190 9.81 6.88 17.59
N HIS C 191 8.88 7.51 18.31
CA HIS C 191 7.79 6.77 18.94
C HIS C 191 6.67 6.50 17.95
N GLN C 192 6.08 5.32 18.04
CA GLN C 192 5.03 4.93 17.11
C GLN C 192 3.65 5.21 17.71
N GLY C 193 2.73 5.63 16.85
CA GLY C 193 1.34 5.75 17.25
C GLY C 193 0.64 4.41 17.14
N PHE C 194 1.38 3.32 17.38
CA PHE C 194 0.84 1.99 17.19
C PHE C 194 1.34 1.07 18.29
N LYS C 195 0.49 0.10 18.64
CA LYS C 195 0.85 -0.97 19.55
C LYS C 195 2.07 -1.71 19.03
N TYR C 196 2.91 -2.20 19.97
CA TYR C 196 4.09 -2.98 19.61
C TYR C 196 3.76 -4.06 18.58
N GLU C 197 2.66 -4.78 18.80
CA GLU C 197 2.47 -6.06 18.12
C GLU C 197 1.88 -5.82 16.76
N ASP C 198 1.55 -4.57 16.49
CA ASP C 198 0.82 -4.17 15.31
C ASP C 198 1.68 -3.43 14.31
N CYS C 199 2.89 -3.03 14.68
CA CYS C 199 3.69 -2.14 13.86
C CYS C 199 3.98 -2.74 12.48
N PHE C 200 3.94 -4.05 12.32
CA PHE C 200 4.22 -4.67 11.03
C PHE C 200 3.01 -5.31 10.39
N LYS C 201 1.83 -5.18 10.99
CA LYS C 201 0.61 -5.67 10.39
C LYS C 201 0.33 -4.91 9.10
N GLU C 202 -0.09 -5.62 8.06
CA GLU C 202 -0.48 -4.93 6.83
C GLU C 202 -1.65 -3.97 7.05
N GLU C 203 -2.46 -4.19 8.09
CA GLU C 203 -3.64 -3.36 8.31
C GLU C 203 -3.27 -1.90 8.55
N PHE C 204 -2.12 -1.66 9.18
CA PHE C 204 -1.75 -0.31 9.58
C PHE C 204 -0.67 0.31 8.70
N ARG C 205 -0.38 -0.26 7.53
CA ARG C 205 0.47 0.46 6.58
C ARG C 205 -0.11 1.83 6.28
N LEU C 206 0.81 2.77 6.05
CA LEU C 206 0.43 4.17 5.84
C LEU C 206 -0.51 4.32 4.64
N GLU C 207 -0.30 3.52 3.59
CA GLU C 207 -1.17 3.56 2.43
C GLU C 207 -2.61 3.18 2.76
N ASN C 208 -2.82 2.42 3.84
CA ASN C 208 -4.18 2.12 4.26
C ASN C 208 -4.76 3.20 5.16
N LEU C 209 -3.92 3.90 5.93
CA LEU C 209 -4.40 4.90 6.89
C LEU C 209 -4.72 6.22 6.20
N VAL C 210 -3.93 6.60 5.19
CA VAL C 210 -4.14 7.90 4.54
C VAL C 210 -5.54 8.03 3.93
N PRO C 211 -6.04 7.09 3.12
CA PRO C 211 -7.40 7.26 2.58
C PRO C 211 -8.46 7.36 3.68
N LYS C 212 -8.33 6.59 4.78
CA LYS C 212 -9.26 6.66 5.90
C LYS C 212 -9.22 8.02 6.56
N VAL C 213 -8.04 8.58 6.82
CA VAL C 213 -8.00 9.85 7.53
C VAL C 213 -8.45 10.99 6.63
N VAL C 214 -8.08 10.93 5.34
CA VAL C 214 -8.57 11.91 4.37
C VAL C 214 -10.08 11.89 4.33
N GLU C 215 -10.67 10.69 4.32
CA GLU C 215 -12.13 10.57 4.25
C GLU C 215 -12.81 11.11 5.52
N ALA C 216 -12.20 10.89 6.69
CA ALA C 216 -12.77 11.50 7.90
C ALA C 216 -12.60 13.00 7.87
N SER C 217 -11.49 13.48 7.32
CA SER C 217 -11.21 14.90 7.32
C SER C 217 -12.19 15.69 6.45
N LYS C 218 -12.79 15.05 5.43
CA LYS C 218 -13.78 15.72 4.58
C LYS C 218 -14.99 16.21 5.40
N GLU C 219 -15.26 15.56 6.54
CA GLU C 219 -16.42 15.92 7.31
C GLU C 219 -16.17 17.10 8.24
N TRP C 220 -14.94 17.61 8.30
CA TRP C 220 -14.65 18.78 9.10
C TRP C 220 -14.10 19.93 8.25
N GLY C 221 -14.50 20.01 7.00
CA GLY C 221 -14.03 21.10 6.16
C GLY C 221 -12.70 20.87 5.45
N ASN C 222 -12.43 19.63 5.04
CA ASN C 222 -11.25 19.33 4.24
C ASN C 222 -9.96 19.79 4.94
N ILE C 223 -9.71 19.24 6.12
CA ILE C 223 -8.46 19.59 6.79
C ILE C 223 -7.31 19.00 5.99
N PRO C 224 -6.24 19.76 5.72
CA PRO C 224 -5.08 19.18 5.03
C PRO C 224 -4.47 18.05 5.84
N ILE C 225 -4.23 16.93 5.15
CA ILE C 225 -3.66 15.73 5.73
C ILE C 225 -2.23 15.57 5.22
N ILE C 226 -1.27 15.48 6.14
CA ILE C 226 0.14 15.33 5.77
C ILE C 226 0.59 13.92 6.16
N ALA C 227 1.17 13.21 5.19
CA ALA C 227 1.52 11.81 5.36
C ALA C 227 2.97 11.69 5.79
N ALA C 228 3.24 10.75 6.69
CA ALA C 228 4.56 10.64 7.29
C ALA C 228 4.82 9.19 7.62
N GLY C 229 6.08 8.76 7.45
CA GLY C 229 6.55 7.47 7.92
C GLY C 229 6.92 6.49 6.82
N GLY C 230 8.22 6.37 6.52
CA GLY C 230 8.68 5.52 5.44
C GLY C 230 8.67 6.13 4.06
N ILE C 231 8.43 7.43 3.92
CA ILE C 231 8.45 8.10 2.63
C ILE C 231 9.91 8.43 2.30
N TRP C 232 10.39 7.91 1.18
CA TRP C 232 11.80 8.00 0.84
C TRP C 232 12.09 8.95 -0.33
N ASP C 233 11.35 8.82 -1.43
CA ASP C 233 11.71 9.53 -2.65
C ASP C 233 10.44 10.13 -3.27
N ARG C 234 10.61 10.77 -4.43
CA ARG C 234 9.49 11.40 -5.11
C ARG C 234 8.43 10.40 -5.50
N LYS C 235 8.84 9.17 -5.83
CA LYS C 235 7.88 8.10 -6.06
C LYS C 235 6.92 7.95 -4.87
N ASP C 236 7.47 7.85 -3.65
CA ASP C 236 6.66 7.73 -2.44
C ASP C 236 5.80 8.96 -2.19
N ILE C 237 6.37 10.16 -2.39
CA ILE C 237 5.60 11.39 -2.27
C ILE C 237 4.37 11.36 -3.17
N ASP C 238 4.56 10.99 -4.43
CA ASP C 238 3.45 10.95 -5.38
C ASP C 238 2.42 9.91 -4.98
N THR C 239 2.86 8.80 -4.40
CA THR C 239 1.90 7.80 -3.91
C THR C 239 0.99 8.39 -2.86
N MET C 240 1.56 9.15 -1.92
CA MET C 240 0.77 9.77 -0.86
C MET C 240 -0.21 10.80 -1.41
N LEU C 241 0.29 11.71 -2.26
CA LEU C 241 -0.59 12.70 -2.87
C LEU C 241 -1.75 12.05 -3.60
N SER C 242 -1.49 10.98 -4.35
CA SER C 242 -2.56 10.31 -5.06
C SER C 242 -3.58 9.67 -4.12
N LEU C 243 -3.22 9.47 -2.85
CA LEU C 243 -4.12 8.94 -1.83
C LEU C 243 -4.94 10.02 -1.15
N GLY C 244 -4.72 11.29 -1.47
CA GLY C 244 -5.49 12.38 -0.92
C GLY C 244 -4.72 13.25 0.05
N ALA C 245 -3.51 12.87 0.44
CA ALA C 245 -2.70 13.74 1.28
C ALA C 245 -2.41 15.03 0.55
N SER C 246 -2.31 16.12 1.30
CA SER C 246 -1.93 17.39 0.72
C SER C 246 -0.43 17.62 0.73
N GLY C 247 0.31 16.85 1.54
CA GLY C 247 1.75 16.96 1.65
C GLY C 247 2.31 15.73 2.34
N VAL C 248 3.62 15.75 2.55
CA VAL C 248 4.35 14.67 3.23
C VAL C 248 5.21 15.28 4.33
N GLN C 249 5.39 14.51 5.40
CA GLN C 249 6.45 14.77 6.37
C GLN C 249 7.52 13.68 6.25
N MET C 250 8.77 14.09 6.15
CA MET C 250 9.89 13.17 6.01
C MET C 250 10.97 13.58 7.01
N ALA C 251 11.56 12.60 7.66
CA ALA C 251 12.61 12.97 8.60
C ALA C 251 13.90 12.19 8.39
N THR C 252 13.82 10.88 8.14
CA THR C 252 15.03 10.06 8.00
C THR C 252 15.94 10.52 6.86
N ARG C 253 15.35 10.94 5.72
CA ARG C 253 16.17 11.54 4.65
C ARG C 253 16.93 12.76 5.17
N PHE C 254 16.24 13.62 5.93
CA PHE C 254 16.91 14.79 6.46
C PHE C 254 17.93 14.42 7.53
N LEU C 255 17.67 13.35 8.27
CA LEU C 255 18.65 12.85 9.23
C LEU C 255 19.97 12.53 8.53
N GLY C 256 19.92 12.17 7.24
CA GLY C 256 21.09 11.92 6.42
C GLY C 256 21.60 13.12 5.64
N THR C 257 21.49 14.33 6.19
CA THR C 257 21.97 15.51 5.50
C THR C 257 23.04 16.20 6.33
N LYS C 258 23.92 16.91 5.64
CA LYS C 258 25.06 17.55 6.30
C LYS C 258 24.61 18.55 7.35
N GLU C 259 23.49 19.23 7.13
CA GLU C 259 23.04 20.31 8.00
C GLU C 259 22.40 19.84 9.30
N CYS C 260 22.10 18.55 9.42
CA CYS C 260 21.60 17.99 10.69
C CYS C 260 22.46 18.45 11.85
N ASP C 261 21.80 18.84 12.95
CA ASP C 261 22.52 19.52 14.04
C ASP C 261 23.22 18.55 14.98
N ALA C 262 22.86 17.26 14.92
CA ALA C 262 23.53 16.22 15.70
C ALA C 262 24.53 15.57 14.74
N LYS C 263 25.74 16.15 14.67
CA LYS C 263 26.76 15.71 13.72
C LYS C 263 27.14 14.25 13.83
N VAL C 264 26.72 13.53 14.89
CA VAL C 264 27.06 12.10 15.02
C VAL C 264 26.35 11.26 13.95
N TYR C 265 25.18 11.69 13.46
CA TYR C 265 24.43 10.86 12.51
C TYR C 265 25.14 10.75 11.17
N ALA C 266 25.96 11.74 10.81
CA ALA C 266 26.73 11.64 9.57
C ALA C 266 27.66 10.43 9.60
N ASP C 267 28.23 10.14 10.78
CA ASP C 267 29.14 9.02 10.95
C ASP C 267 28.41 7.69 11.02
N LEU C 268 27.22 7.68 11.60
CA LEU C 268 26.53 6.45 11.98
C LEU C 268 25.73 5.86 10.83
N LEU C 269 24.98 6.72 10.13
CA LEU C 269 23.99 6.24 9.17
C LEU C 269 24.60 5.48 7.99
N PRO C 270 25.68 5.95 7.36
CA PRO C 270 26.19 5.24 6.16
C PRO C 270 26.53 3.78 6.41
N THR C 271 26.89 3.42 7.65
CA THR C 271 27.19 2.04 8.01
C THR C 271 25.98 1.30 8.58
N LEU C 272 24.88 1.99 8.83
CA LEU C 272 23.68 1.35 9.36
C LEU C 272 23.16 0.26 8.43
N LYS C 273 22.86 -0.89 9.00
CA LYS C 273 22.25 -1.97 8.25
C LYS C 273 20.91 -2.30 8.92
N LYS C 274 19.99 -2.88 8.16
CA LYS C 274 18.65 -2.98 8.70
C LYS C 274 18.54 -4.03 9.78
N GLU C 275 19.50 -4.96 9.87
CA GLU C 275 19.53 -5.87 11.01
C GLU C 275 19.73 -5.13 12.32
N ASP C 276 20.26 -3.91 12.27
CA ASP C 276 20.45 -3.09 13.47
C ASP C 276 19.37 -2.02 13.69
N ILE C 277 18.26 -2.09 12.97
CA ILE C 277 17.12 -1.21 13.28
C ILE C 277 16.12 -2.06 14.02
N LEU C 278 15.74 -1.60 15.21
CA LEU C 278 14.88 -2.37 16.11
C LEU C 278 13.92 -1.43 16.82
N LEU C 279 12.81 -2.01 17.25
CA LEU C 279 11.76 -1.29 17.93
C LEU C 279 11.92 -1.60 19.44
N ILE C 280 12.09 -0.56 20.25
CA ILE C 280 12.41 -0.71 21.67
C ILE C 280 11.31 -0.11 22.53
N LYS C 281 11.40 -0.38 23.82
CA LYS C 281 10.48 0.24 24.78
C LYS C 281 10.98 1.63 25.17
N SER C 282 10.08 2.44 25.69
CA SER C 282 10.39 3.82 26.01
C SER C 282 9.68 4.20 27.30
N PRO C 283 10.26 5.11 28.10
CA PRO C 283 9.52 5.64 29.26
C PRO C 283 8.34 6.48 28.83
N VAL C 284 8.32 6.94 27.59
CA VAL C 284 7.19 7.73 27.09
C VAL C 284 5.95 6.87 26.95
N GLY C 285 6.12 5.54 26.93
CA GLY C 285 5.00 4.63 26.90
C GLY C 285 4.47 4.28 25.52
N TYR C 286 5.23 4.55 24.45
CA TYR C 286 4.99 4.09 23.10
C TYR C 286 6.22 3.36 22.60
N PRO C 287 6.06 2.36 21.73
CA PRO C 287 7.23 1.79 21.05
C PRO C 287 8.05 2.86 20.33
N ALA C 288 9.37 2.66 20.28
CA ALA C 288 10.28 3.60 19.64
C ALA C 288 11.25 2.84 18.74
N ARG C 289 11.48 3.37 17.54
CA ARG C 289 12.39 2.76 16.58
C ARG C 289 13.77 3.36 16.78
N ALA C 290 14.75 2.49 17.05
CA ALA C 290 16.09 2.89 17.45
C ALA C 290 17.13 2.10 16.67
N ILE C 291 18.37 2.54 16.80
CA ILE C 291 19.54 1.84 16.28
C ILE C 291 20.13 1.03 17.43
N ASN C 292 20.43 -0.24 17.16
CA ASN C 292 21.07 -1.12 18.12
C ASN C 292 22.52 -0.74 18.34
N THR C 293 22.75 0.22 19.22
CA THR C 293 24.07 0.82 19.43
C THR C 293 23.92 1.79 20.59
N GLY C 294 25.04 2.18 21.19
CA GLY C 294 24.97 3.08 22.32
C GLY C 294 24.28 2.41 23.50
N VAL C 295 23.42 3.17 24.21
CA VAL C 295 22.77 2.68 25.42
C VAL C 295 22.21 1.29 25.18
N ILE C 296 21.63 1.07 24.00
CA ILE C 296 20.97 -0.20 23.72
C ILE C 296 21.93 -1.36 23.87
N LYS C 297 23.17 -1.22 23.35
CA LYS C 297 24.20 -2.24 23.57
C LYS C 297 24.64 -2.30 25.03
N ARG C 298 24.87 -1.14 25.67
CA ARG C 298 25.26 -1.12 27.08
C ARG C 298 24.25 -1.85 27.95
N ILE C 299 22.96 -1.67 27.69
CA ILE C 299 21.96 -2.44 28.42
C ILE C 299 22.22 -3.92 28.23
N GLU C 300 22.44 -4.34 26.98
CA GLU C 300 22.58 -5.77 26.70
C GLU C 300 23.85 -6.36 27.32
N GLU C 301 24.92 -5.56 27.43
CA GLU C 301 26.14 -5.98 28.11
C GLU C 301 26.03 -5.93 29.62
N GLY C 302 24.94 -5.42 30.19
CA GLY C 302 24.87 -5.26 31.62
C GLY C 302 25.72 -4.12 32.12
N ASN C 303 25.79 -3.04 31.36
CA ASN C 303 26.78 -1.99 31.66
C ASN C 303 26.15 -0.62 31.39
N ALA C 304 24.85 -0.50 31.62
CA ALA C 304 24.10 0.70 31.25
C ALA C 304 24.29 1.78 32.31
N PRO C 305 24.19 3.06 31.96
CA PRO C 305 24.43 4.13 32.93
C PRO C 305 23.32 4.15 33.98
N LYS C 306 23.64 4.72 35.14
CA LYS C 306 22.63 4.81 36.19
C LYS C 306 21.44 5.63 35.69
N ILE C 307 20.25 5.28 36.19
CA ILE C 307 19.02 6.02 35.89
C ILE C 307 18.66 6.80 37.14
N ALA C 308 18.62 8.14 37.03
CA ALA C 308 18.32 8.99 38.19
C ALA C 308 17.72 10.29 37.68
N CYS C 309 16.41 10.47 37.87
CA CYS C 309 15.66 11.48 37.13
C CYS C 309 16.08 12.89 37.53
N VAL C 310 16.74 13.59 36.61
CA VAL C 310 17.20 14.96 36.80
C VAL C 310 16.38 15.95 35.98
N SER C 311 16.16 15.66 34.70
CA SER C 311 15.51 16.59 33.79
C SER C 311 13.98 16.48 33.79
N ASN C 312 13.43 15.41 34.34
CA ASN C 312 11.99 15.14 34.44
C ASN C 312 11.28 15.53 33.14
N CYS C 313 11.68 14.84 32.06
CA CYS C 313 11.38 15.31 30.71
C CYS C 313 9.93 15.07 30.32
N VAL C 314 9.41 13.86 30.58
CA VAL C 314 8.06 13.47 30.16
C VAL C 314 7.27 13.02 31.38
N ALA C 315 5.95 13.24 31.31
CA ALA C 315 5.02 12.93 32.39
C ALA C 315 4.78 11.43 32.60
N PRO C 316 4.64 10.61 31.54
CA PRO C 316 4.30 9.19 31.76
C PRO C 316 5.35 8.39 32.52
N CYS C 317 6.61 8.85 32.52
CA CYS C 317 7.69 8.10 33.15
C CYS C 317 7.52 8.07 34.66
N ASN C 318 6.88 9.11 35.22
CA ASN C 318 6.75 9.29 36.67
C ASN C 318 8.11 9.37 37.35
N ARG C 319 9.00 10.18 36.78
CA ARG C 319 10.25 10.57 37.43
C ARG C 319 11.19 9.39 37.65
N GLY C 320 11.19 8.44 36.71
CA GLY C 320 12.14 7.34 36.74
C GLY C 320 11.53 5.96 36.84
N GLU C 321 10.26 5.81 37.21
CA GLU C 321 9.67 4.47 37.32
C GLU C 321 9.70 3.73 35.99
N GLU C 322 9.24 4.37 34.90
CA GLU C 322 9.28 3.67 33.62
C GLU C 322 10.70 3.59 33.05
N ALA C 323 11.50 4.63 33.24
CA ALA C 323 12.91 4.58 32.84
C ALA C 323 13.61 3.35 33.43
N LYS C 324 13.50 3.15 34.76
CA LYS C 324 14.13 1.99 35.39
C LYS C 324 13.53 0.69 34.89
N LYS C 325 12.23 0.67 34.65
CA LYS C 325 11.61 -0.52 34.07
C LYS C 325 12.19 -0.87 32.71
N VAL C 326 12.43 0.14 31.85
CA VAL C 326 12.86 -0.15 30.48
C VAL C 326 14.37 -0.15 30.31
N GLY C 327 15.12 0.43 31.25
CA GLY C 327 16.57 0.33 31.23
C GLY C 327 17.28 1.59 30.81
N TYR C 328 16.57 2.66 30.45
CA TYR C 328 17.26 3.87 30.03
C TYR C 328 16.38 5.07 30.29
N CYS C 329 17.04 6.18 30.58
CA CYS C 329 16.49 7.53 30.59
C CYS C 329 16.59 8.12 29.19
N ILE C 330 15.44 8.39 28.57
CA ILE C 330 15.45 8.87 27.19
C ILE C 330 16.06 10.27 27.11
N ALA C 331 15.79 11.13 28.08
CA ALA C 331 16.38 12.47 28.05
C ALA C 331 17.90 12.42 28.14
N ASP C 332 18.43 11.61 29.07
CA ASP C 332 19.89 11.48 29.19
C ASP C 332 20.47 10.89 27.91
N GLY C 333 19.84 9.84 27.39
CA GLY C 333 20.38 9.17 26.21
C GLY C 333 20.37 10.03 24.96
N LEU C 334 19.26 10.75 24.72
CA LEU C 334 19.18 11.66 23.57
C LEU C 334 20.11 12.86 23.75
N GLY C 335 20.17 13.42 24.97
CA GLY C 335 21.15 14.45 25.26
C GLY C 335 22.59 14.01 24.98
N ARG C 336 22.95 12.78 25.39
CA ARG C 336 24.33 12.35 25.20
C ARG C 336 24.69 12.19 23.71
N SER C 337 23.71 11.81 22.88
CA SER C 337 23.93 11.71 21.44
C SER C 337 24.22 13.08 20.83
N TYR C 338 23.54 14.12 21.30
CA TYR C 338 23.79 15.46 20.77
C TYR C 338 25.20 15.92 21.11
N LEU C 339 25.66 15.61 22.32
CA LEU C 339 27.04 15.78 22.78
C LEU C 339 28.02 14.73 22.24
N GLY C 340 27.58 13.68 21.55
CA GLY C 340 28.49 12.85 20.78
C GLY C 340 28.98 11.61 21.48
N ASN C 341 28.44 11.29 22.63
CA ASN C 341 28.74 10.05 23.36
C ASN C 341 28.14 8.88 22.58
N ARG C 342 28.88 8.39 21.57
CA ARG C 342 28.26 7.39 20.69
C ARG C 342 28.27 6.00 21.29
N GLU C 343 28.74 5.94 22.50
CA GLU C 343 28.99 4.76 23.32
C GLU C 343 27.99 4.71 24.48
N GLU C 344 27.41 5.85 24.88
CA GLU C 344 26.23 5.83 25.76
C GLU C 344 25.04 6.60 25.19
N GLY C 345 25.04 6.93 23.89
CA GLY C 345 23.93 7.70 23.34
C GLY C 345 22.76 6.83 22.94
N LEU C 346 21.57 7.44 22.89
CA LEU C 346 20.39 6.79 22.31
C LEU C 346 20.19 7.34 20.89
N TYR C 347 19.95 6.45 19.93
CA TYR C 347 19.94 6.82 18.53
C TYR C 347 18.68 6.27 17.87
N PHE C 348 17.98 7.14 17.15
CA PHE C 348 16.71 6.80 16.52
C PHE C 348 16.88 6.88 15.00
N THR C 349 15.89 6.36 14.31
CA THR C 349 15.89 6.25 12.85
C THR C 349 14.54 5.71 12.45
N GLY C 350 14.08 6.11 11.24
CA GLY C 350 12.97 5.43 10.63
C GLY C 350 13.46 4.13 10.04
N ALA C 351 12.50 3.31 9.62
CA ALA C 351 12.84 2.00 9.04
C ALA C 351 13.77 2.11 7.83
N ASN C 352 13.69 3.20 7.07
CA ASN C 352 14.50 3.36 5.87
C ASN C 352 15.92 3.83 6.16
N GLY C 353 16.36 3.86 7.42
CA GLY C 353 17.67 4.43 7.73
C GLY C 353 18.81 3.69 7.06
N TYR C 354 18.67 2.37 6.89
CA TYR C 354 19.69 1.57 6.23
C TYR C 354 19.97 2.01 4.81
N ARG C 355 19.03 2.73 4.18
CA ARG C 355 19.25 3.19 2.81
C ARG C 355 20.02 4.50 2.74
N VAL C 356 20.34 5.13 3.87
CA VAL C 356 21.18 6.31 3.81
C VAL C 356 22.59 5.81 3.65
N ASP C 357 23.21 6.11 2.51
CA ASP C 357 24.54 5.59 2.26
C ASP C 357 25.59 6.68 2.12
N LYS C 358 25.23 7.85 1.60
CA LYS C 358 26.08 9.02 1.66
C LYS C 358 25.29 10.20 2.23
N ILE C 359 26.02 11.12 2.83
CA ILE C 359 25.43 12.30 3.45
C ILE C 359 25.49 13.43 2.44
N ILE C 360 24.34 13.99 2.13
CA ILE C 360 24.19 15.01 1.10
C ILE C 360 23.67 16.28 1.75
N SER C 361 23.68 17.35 0.97
CA SER C 361 23.22 18.62 1.52
C SER C 361 21.69 18.67 1.54
N VAL C 362 21.15 19.59 2.34
CA VAL C 362 19.70 19.81 2.32
C VAL C 362 19.26 20.34 0.95
N HIS C 363 19.99 21.32 0.41
CA HIS C 363 19.70 21.79 -0.95
C HIS C 363 19.63 20.65 -1.95
N GLU C 364 20.57 19.71 -1.87
CA GLU C 364 20.58 18.61 -2.82
C GLU C 364 19.44 17.63 -2.59
N LEU C 365 19.02 17.46 -1.33
CA LEU C 365 17.91 16.56 -1.05
C LEU C 365 16.59 17.13 -1.55
N ILE C 366 16.42 18.45 -1.46
CA ILE C 366 15.18 19.06 -1.92
C ILE C 366 15.05 19.00 -3.44
N LYS C 367 16.18 19.10 -4.17
CA LYS C 367 16.16 18.93 -5.64
C LYS C 367 15.70 17.53 -6.03
N GLU C 368 16.33 16.52 -5.44
CA GLU C 368 15.97 15.14 -5.73
C GLU C 368 14.48 14.89 -5.55
N LEU C 369 13.90 15.44 -4.49
CA LEU C 369 12.51 15.14 -4.20
C LEU C 369 11.56 15.97 -5.07
N THR C 370 11.96 17.18 -5.50
CA THR C 370 10.98 18.05 -6.13
C THR C 370 11.11 18.16 -7.63
N GLU C 371 12.22 17.75 -8.24
CA GLU C 371 12.37 17.90 -9.69
C GLU C 371 11.28 17.14 -10.45
N GLY C 372 10.72 17.77 -11.48
CA GLY C 372 9.80 17.08 -12.36
C GLY C 372 8.34 16.97 -11.92
N ASP D 43 -7.00 1.99 25.30
CA ASP D 43 -5.87 2.89 25.09
C ASP D 43 -6.34 4.34 25.25
N SER D 44 -5.50 5.30 24.88
CA SER D 44 -5.88 6.76 24.95
C SER D 44 -7.14 7.17 24.21
N LEU D 45 -7.32 6.64 23.00
CA LEU D 45 -8.49 6.94 22.18
C LEU D 45 -9.76 6.49 22.88
N ASP D 46 -9.79 5.20 23.26
CA ASP D 46 -10.93 4.67 24.00
C ASP D 46 -11.18 5.47 25.27
N VAL D 47 -10.12 5.89 25.96
CA VAL D 47 -10.32 6.56 27.25
C VAL D 47 -10.93 7.93 27.06
N VAL D 48 -10.48 8.69 26.06
CA VAL D 48 -11.06 10.03 25.93
C VAL D 48 -12.46 9.93 25.33
N GLU D 49 -12.71 8.90 24.52
CA GLU D 49 -14.06 8.62 24.06
C GLU D 49 -14.99 8.34 25.24
N LEU D 50 -14.57 7.44 26.14
CA LEU D 50 -15.34 7.15 27.34
C LEU D 50 -15.65 8.43 28.11
N ILE D 51 -14.64 9.29 28.29
CA ILE D 51 -14.87 10.58 28.96
C ILE D 51 -16.00 11.34 28.28
N MET D 52 -15.98 11.37 26.94
CA MET D 52 -16.97 12.08 26.14
C MET D 52 -18.36 11.43 26.20
N ALA D 53 -18.45 10.11 26.04
CA ALA D 53 -19.75 9.46 26.16
C ALA D 53 -20.34 9.63 27.56
N LEU D 54 -19.47 9.71 28.58
CA LEU D 54 -19.93 9.98 29.95
C LEU D 54 -20.22 11.45 30.18
N GLU D 55 -19.53 12.35 29.46
CA GLU D 55 -19.81 13.77 29.58
C GLU D 55 -21.24 14.08 29.15
N GLU D 56 -21.66 13.53 28.01
CA GLU D 56 -22.99 13.82 27.49
C GLU D 56 -24.09 13.07 28.25
N LYS D 57 -23.75 11.93 28.87
CA LYS D 57 -24.76 11.22 29.65
C LYS D 57 -25.07 11.95 30.95
N PHE D 58 -24.10 12.67 31.52
CA PHE D 58 -24.25 13.23 32.86
C PHE D 58 -24.11 14.75 32.95
N GLY D 59 -23.89 15.46 31.85
CA GLY D 59 -23.95 16.92 31.90
C GLY D 59 -22.77 17.62 32.53
N ILE D 60 -21.69 16.91 32.80
CA ILE D 60 -20.40 17.48 33.18
C ILE D 60 -19.39 17.42 32.04
N GLU D 61 -18.34 18.22 32.18
CA GLU D 61 -17.11 18.03 31.43
C GLU D 61 -16.02 17.62 32.43
N ILE D 62 -15.39 16.47 32.18
CA ILE D 62 -14.37 15.93 33.05
C ILE D 62 -13.02 16.47 32.59
N PRO D 63 -12.38 17.37 33.33
CA PRO D 63 -11.17 18.04 32.82
C PRO D 63 -9.99 17.08 32.69
N ASP D 64 -9.05 17.48 31.83
CA ASP D 64 -7.92 16.63 31.42
C ASP D 64 -6.88 16.37 32.52
#